data_5UC4
#
_entry.id   5UC4
#
_cell.length_a   129.251
_cell.length_b   129.251
_cell.length_c   106.724
_cell.angle_alpha   90.00
_cell.angle_beta   90.00
_cell.angle_gamma   120.00
#
_symmetry.space_group_name_H-M   'P 65'
#
loop_
_entity.id
_entity.type
_entity.pdbx_description
1 polymer 'Heat shock protein HSP 90-beta'
2 non-polymer 5-Hydroxy-4-(isoindoline-2-carbonyl)-2-isopropylbenzaldehyde
3 non-polymer GLYCEROL
4 non-polymer 'DIMETHYL SULFOXIDE'
5 water water
#
_entity_poly.entity_id   1
_entity_poly.type   'polypeptide(L)'
_entity_poly.pdbx_seq_one_letter_code
;GHMPEEVHHGEEEVETFAFQAEIAQLMSLIINTFYSNKEIFLRELISNASDALDKIRYESLTDPSKLDSGKELKIDIIPN
PQERTLTLVDTGIGMTKADLINNLGTIAKSGTKAFMEALQAGADISMIGQFGVGFYSAYLVAEKVVVITKHNDDEQYAWE
SSAGGSFTVRADHGEPIGRGTKVILHLKEDQTEYLEERRVKEVVKKHSQFIGYPITLYLE
;
_entity_poly.pdbx_strand_id   A,B,C,D
#
# COMPACT_ATOMS: atom_id res chain seq x y z
N GLY A 1 22.83 29.80 -9.88
CA GLY A 1 22.29 31.03 -9.34
C GLY A 1 23.10 31.52 -8.16
N HIS A 2 22.50 32.38 -7.37
CA HIS A 2 23.09 32.76 -6.10
C HIS A 2 22.46 31.92 -4.99
N MET A 3 22.80 32.23 -3.75
CA MET A 3 22.21 31.60 -2.57
C MET A 3 21.48 32.63 -1.72
N PRO A 4 20.47 33.33 -2.26
CA PRO A 4 19.67 34.23 -1.40
C PRO A 4 19.11 33.48 -0.22
N GLU A 5 18.91 34.21 0.87
CA GLU A 5 18.39 33.65 2.10
C GLU A 5 17.24 34.50 2.60
N GLU A 6 16.09 33.88 2.83
CA GLU A 6 14.96 34.68 3.27
C GLU A 6 15.06 34.79 4.79
N VAL A 7 15.68 35.89 5.24
CA VAL A 7 15.91 36.13 6.67
C VAL A 7 14.62 36.28 7.46
N HIS A 8 13.52 36.61 6.81
CA HIS A 8 12.32 37.01 7.53
C HIS A 8 11.13 36.68 6.64
N HIS A 9 10.39 35.65 7.02
CA HIS A 9 9.08 35.44 6.43
C HIS A 9 8.16 36.58 6.84
N GLY A 10 7.19 36.88 5.99
CA GLY A 10 6.29 37.99 6.29
C GLY A 10 5.52 37.81 7.57
N GLU A 11 5.15 36.57 7.89
CA GLU A 11 4.19 36.29 8.95
C GLU A 11 4.49 34.91 9.52
N GLU A 12 4.24 34.72 10.81
CA GLU A 12 4.53 33.43 11.43
C GLU A 12 3.62 32.37 10.83
N GLU A 13 4.23 31.37 10.20
CA GLU A 13 3.49 30.30 9.52
C GLU A 13 2.63 29.52 10.51
N VAL A 14 3.27 28.92 11.52
CA VAL A 14 2.59 28.15 12.56
C VAL A 14 2.70 28.92 13.87
N GLU A 15 1.60 28.96 14.61
CA GLU A 15 1.61 29.55 15.96
C GLU A 15 1.20 28.48 16.95
N THR A 16 1.93 28.37 18.06
CA THR A 16 1.64 27.42 19.12
C THR A 16 1.14 28.17 20.34
N PHE A 17 0.08 27.67 20.97
CA PHE A 17 -0.49 28.30 22.15
C PHE A 17 -0.79 27.22 23.18
N ALA A 18 -0.82 27.63 24.45
CA ALA A 18 -1.21 26.74 25.54
C ALA A 18 -2.72 26.83 25.77
N PHE A 19 -3.35 25.69 26.04
CA PHE A 19 -4.73 25.69 26.49
C PHE A 19 -4.82 26.43 27.83
N GLN A 20 -6.00 27.01 28.12
CA GLN A 20 -6.30 27.34 29.50
C GLN A 20 -6.12 26.09 30.34
N ALA A 21 -5.56 26.27 31.55
CA ALA A 21 -5.25 25.14 32.43
C ALA A 21 -6.44 24.18 32.60
N GLU A 22 -7.66 24.70 32.78
CA GLU A 22 -8.82 23.84 32.99
C GLU A 22 -9.15 23.01 31.74
N ILE A 23 -8.92 23.54 30.55
CA ILE A 23 -9.10 22.74 29.35
C ILE A 23 -8.03 21.66 29.27
N ALA A 24 -6.77 22.03 29.54
CA ALA A 24 -5.71 21.04 29.53
C ALA A 24 -5.97 19.94 30.57
N GLN A 25 -6.47 20.32 31.75
CA GLN A 25 -6.78 19.33 32.78
C GLN A 25 -7.85 18.35 32.30
N LEU A 26 -8.91 18.85 31.67
CA LEU A 26 -9.95 17.95 31.19
C LEU A 26 -9.41 17.04 30.09
N MET A 27 -8.59 17.59 29.20
CA MET A 27 -8.04 16.75 28.13
C MET A 27 -7.19 15.64 28.71
N SER A 28 -6.41 15.95 29.74
CA SER A 28 -5.59 14.90 30.36
C SER A 28 -6.46 13.84 31.00
N LEU A 29 -7.50 14.25 31.71
CA LEU A 29 -8.51 13.34 32.24
C LEU A 29 -9.08 12.44 31.15
N ILE A 30 -9.55 13.04 30.07
CA ILE A 30 -10.22 12.27 29.03
C ILE A 30 -9.24 11.27 28.41
N ILE A 31 -8.03 11.71 28.12
CA ILE A 31 -7.14 10.88 27.31
C ILE A 31 -6.54 9.74 28.14
N ASN A 32 -6.43 9.90 29.47
CA ASN A 32 -5.83 8.88 30.31
C ASN A 32 -6.83 7.97 31.03
N THR A 33 -8.11 8.35 31.14
CA THR A 33 -9.04 7.64 32.01
C THR A 33 -9.79 6.56 31.25
N PHE A 34 -10.06 5.44 31.92
CA PHE A 34 -10.93 4.44 31.35
C PHE A 34 -12.35 4.98 31.24
N TYR A 35 -13.05 4.60 30.17
CA TYR A 35 -14.47 4.85 30.08
C TYR A 35 -15.06 3.66 29.33
N SER A 36 -16.21 3.16 29.80
CA SER A 36 -16.72 1.90 29.26
C SER A 36 -17.44 2.05 27.92
N ASN A 37 -17.80 3.25 27.50
CA ASN A 37 -18.58 3.43 26.25
C ASN A 37 -17.98 4.58 25.43
N LYS A 38 -16.73 4.40 24.98
CA LYS A 38 -16.03 5.48 24.29
C LYS A 38 -16.68 5.86 22.96
N GLU A 39 -17.56 5.00 22.41
CA GLU A 39 -18.27 5.34 21.16
C GLU A 39 -19.02 6.66 21.23
N ILE A 40 -19.27 7.20 22.43
CA ILE A 40 -19.99 8.47 22.52
C ILE A 40 -19.22 9.62 21.90
N PHE A 41 -17.92 9.46 21.60
CA PHE A 41 -17.19 10.55 20.98
C PHE A 41 -17.82 10.93 19.65
N LEU A 42 -18.38 9.95 18.91
CA LEU A 42 -18.91 10.24 17.59
C LEU A 42 -20.21 11.04 17.69
N ARG A 43 -21.06 10.70 18.66
CA ARG A 43 -22.25 11.49 18.93
C ARG A 43 -21.92 12.96 19.17
N GLU A 44 -20.86 13.22 19.94
CA GLU A 44 -20.53 14.59 20.32
C GLU A 44 -20.04 15.39 19.12
N LEU A 45 -19.24 14.76 18.25
CA LEU A 45 -18.76 15.44 17.04
C LEU A 45 -19.90 15.66 16.06
N ILE A 46 -20.76 14.66 15.88
CA ILE A 46 -21.89 14.82 14.98
C ILE A 46 -22.84 15.90 15.50
N SER A 47 -22.98 16.00 16.82
CA SER A 47 -23.83 17.03 17.41
C SER A 47 -23.29 18.43 17.14
N ASN A 48 -21.97 18.63 17.28
CA ASN A 48 -21.37 19.90 16.90
C ASN A 48 -21.58 20.21 15.41
N ALA A 49 -21.40 19.20 14.55
CA ALA A 49 -21.61 19.42 13.11
C ALA A 49 -23.06 19.82 12.84
N SER A 50 -24.01 19.14 13.50
CA SER A 50 -25.42 19.46 13.31
C SER A 50 -25.71 20.91 13.71
N ASP A 51 -25.10 21.39 14.81
CA ASP A 51 -25.29 22.78 15.23
C ASP A 51 -24.69 23.75 14.23
N ALA A 52 -23.51 23.44 13.70
CA ALA A 52 -22.90 24.29 12.69
C ALA A 52 -23.74 24.30 11.41
N LEU A 53 -24.33 23.16 11.06
CA LEU A 53 -25.19 23.12 9.88
C LEU A 53 -26.47 23.91 10.12
N ASP A 54 -27.06 23.80 11.31
CA ASP A 54 -28.21 24.64 11.64
C ASP A 54 -27.85 26.11 11.48
N LYS A 55 -26.65 26.49 11.91
CA LYS A 55 -26.25 27.89 11.91
C LYS A 55 -26.20 28.45 10.49
N ILE A 56 -25.54 27.73 9.57
CA ILE A 56 -25.51 28.21 8.18
C ILE A 56 -26.90 28.10 7.56
N ARG A 57 -27.66 27.06 7.90
CA ARG A 57 -29.00 26.90 7.33
C ARG A 57 -29.91 28.05 7.71
N TYR A 58 -29.71 28.65 8.89
CA TYR A 58 -30.50 29.81 9.28
C TYR A 58 -30.10 31.04 8.48
N GLU A 59 -28.79 31.35 8.46
CA GLU A 59 -28.31 32.53 7.76
C GLU A 59 -28.57 32.47 6.27
N SER A 60 -28.78 31.28 5.72
CA SER A 60 -29.15 31.15 4.31
C SER A 60 -30.56 31.66 4.04
N LEU A 61 -31.38 31.78 5.07
CA LEU A 61 -32.72 32.33 4.89
C LEU A 61 -32.66 33.83 4.62
N THR A 62 -31.89 34.56 5.43
CA THR A 62 -31.71 35.98 5.19
C THR A 62 -30.89 36.22 3.92
N ASP A 63 -29.80 35.47 3.77
CA ASP A 63 -28.84 35.70 2.69
C ASP A 63 -28.54 34.39 1.98
N PRO A 64 -29.26 34.09 0.89
CA PRO A 64 -28.98 32.86 0.13
C PRO A 64 -27.59 32.82 -0.50
N SER A 65 -26.87 33.94 -0.55
CA SER A 65 -25.52 33.93 -1.10
C SER A 65 -24.48 33.35 -0.14
N LYS A 66 -24.85 33.14 1.13
CA LYS A 66 -23.97 32.43 2.05
C LYS A 66 -23.77 30.98 1.62
N LEU A 67 -24.65 30.48 0.76
CA LEU A 67 -24.52 29.12 0.26
C LEU A 67 -23.73 29.04 -1.04
N ASP A 68 -23.25 30.18 -1.56
CA ASP A 68 -22.38 30.15 -2.74
C ASP A 68 -21.13 29.32 -2.51
N SER A 69 -20.74 29.10 -1.26
CA SER A 69 -19.64 28.22 -0.92
C SER A 69 -20.04 26.75 -0.82
N GLY A 70 -21.29 26.42 -1.16
CA GLY A 70 -21.77 25.07 -1.01
C GLY A 70 -23.22 25.02 -0.60
N LYS A 71 -24.08 24.46 -1.47
CA LYS A 71 -25.50 24.41 -1.15
C LYS A 71 -25.87 23.23 -0.26
N GLU A 72 -25.14 22.11 -0.37
CA GLU A 72 -25.51 20.88 0.33
C GLU A 72 -25.13 20.96 1.80
N LEU A 73 -26.07 20.58 2.67
CA LEU A 73 -25.83 20.55 4.12
C LEU A 73 -25.77 19.09 4.55
N LYS A 74 -24.58 18.61 4.88
CA LYS A 74 -24.37 17.19 5.04
C LYS A 74 -23.18 16.94 5.96
N ILE A 75 -23.08 15.67 6.38
CA ILE A 75 -21.97 15.17 7.18
C ILE A 75 -21.42 13.94 6.48
N ASP A 76 -20.09 13.87 6.32
CA ASP A 76 -19.44 12.70 5.75
C ASP A 76 -18.46 12.12 6.78
N ILE A 77 -18.40 10.80 6.85
CA ILE A 77 -17.48 10.10 7.76
C ILE A 77 -16.58 9.20 6.93
N ILE A 78 -15.27 9.35 7.10
CA ILE A 78 -14.31 8.65 6.24
C ILE A 78 -13.29 7.90 7.10
N PRO A 79 -13.44 6.60 7.30
CA PRO A 79 -12.40 5.83 7.98
C PRO A 79 -11.28 5.52 7.01
N ASN A 80 -10.05 5.58 7.51
CA ASN A 80 -8.86 5.31 6.69
C ASN A 80 -8.00 4.32 7.45
N PRO A 81 -8.19 3.02 7.20
CA PRO A 81 -7.45 2.02 7.99
C PRO A 81 -5.94 2.11 7.83
N GLN A 82 -5.45 2.46 6.63
CA GLN A 82 -4.00 2.49 6.42
C GLN A 82 -3.34 3.67 7.09
N GLU A 83 -4.08 4.76 7.32
CA GLU A 83 -3.54 5.93 8.01
C GLU A 83 -3.96 5.97 9.48
N ARG A 84 -4.82 5.04 9.90
CA ARG A 84 -5.37 5.03 11.26
C ARG A 84 -6.05 6.35 11.61
N THR A 85 -6.81 6.90 10.66
CA THR A 85 -7.55 8.13 10.88
C THR A 85 -9.02 7.89 10.65
N LEU A 86 -9.85 8.58 11.43
CA LEU A 86 -11.27 8.67 11.18
C LEU A 86 -11.59 10.15 11.01
N THR A 87 -12.21 10.49 9.89
CA THR A 87 -12.45 11.88 9.52
C THR A 87 -13.94 12.16 9.49
N LEU A 88 -14.33 13.29 10.06
CA LEU A 88 -15.70 13.79 10.02
C LEU A 88 -15.69 15.14 9.30
N VAL A 89 -16.46 15.25 8.21
CA VAL A 89 -16.52 16.49 7.44
C VAL A 89 -17.96 16.98 7.39
N ASP A 90 -18.18 18.25 7.74
CA ASP A 90 -19.50 18.82 7.58
C ASP A 90 -19.41 20.10 6.76
N THR A 91 -20.51 20.44 6.11
CA THR A 91 -20.59 21.69 5.36
C THR A 91 -21.33 22.76 6.16
N GLY A 92 -21.07 22.82 7.47
CA GLY A 92 -21.66 23.81 8.34
C GLY A 92 -21.05 25.20 8.11
N ILE A 93 -21.34 26.09 9.05
CA ILE A 93 -20.95 27.48 8.91
C ILE A 93 -19.43 27.68 9.02
N GLY A 94 -18.70 26.76 9.64
CA GLY A 94 -17.27 26.92 9.80
C GLY A 94 -16.90 27.89 10.92
N MET A 95 -15.59 28.13 11.06
CA MET A 95 -15.06 29.01 12.09
C MET A 95 -14.01 29.93 11.48
N THR A 96 -14.08 31.22 11.81
CA THR A 96 -12.97 32.12 11.53
C THR A 96 -11.75 31.70 12.34
N LYS A 97 -10.60 32.25 11.97
CA LYS A 97 -9.38 31.98 12.73
C LYS A 97 -9.53 32.41 14.18
N ALA A 98 -10.08 33.61 14.41
CA ALA A 98 -10.27 34.11 15.77
C ALA A 98 -11.12 33.17 16.61
N ASP A 99 -12.18 32.61 16.02
CA ASP A 99 -13.09 31.75 16.79
C ASP A 99 -12.49 30.36 16.98
N LEU A 100 -11.72 29.89 15.99
CA LEU A 100 -10.98 28.65 16.14
C LEU A 100 -10.07 28.69 17.37
N ILE A 101 -9.21 29.70 17.45
CA ILE A 101 -8.31 29.85 18.61
C ILE A 101 -9.11 30.04 19.89
N ASN A 102 -10.05 30.98 19.87
CA ASN A 102 -10.81 31.30 21.08
C ASN A 102 -11.65 30.11 21.55
N ASN A 103 -12.39 29.47 20.63
CA ASN A 103 -13.35 28.45 21.06
C ASN A 103 -12.66 27.20 21.57
N LEU A 104 -11.58 26.77 20.92
CA LEU A 104 -10.95 25.51 21.31
C LEU A 104 -9.87 25.71 22.35
N GLY A 105 -9.28 26.90 22.43
CA GLY A 105 -8.14 27.04 23.31
C GLY A 105 -8.41 27.81 24.58
N THR A 106 -9.53 28.53 24.64
CA THR A 106 -9.70 29.56 25.66
C THR A 106 -11.09 29.57 26.29
N ILE A 107 -12.12 29.91 25.52
CA ILE A 107 -13.41 30.14 26.17
C ILE A 107 -14.12 28.85 26.52
N ALA A 108 -13.58 27.69 26.11
CA ALA A 108 -14.09 26.44 26.67
C ALA A 108 -13.75 26.27 28.14
N LYS A 109 -13.01 27.23 28.72
CA LYS A 109 -12.59 27.13 30.12
C LYS A 109 -13.78 26.94 31.06
N SER A 110 -14.85 27.72 30.88
CA SER A 110 -15.97 27.68 31.81
C SER A 110 -16.70 26.34 31.77
N GLY A 111 -16.96 25.83 30.57
CA GLY A 111 -17.62 24.53 30.47
C GLY A 111 -16.74 23.40 30.98
N THR A 112 -15.43 23.43 30.67
CA THR A 112 -14.57 22.34 31.11
C THR A 112 -14.38 22.37 32.62
N LYS A 113 -14.32 23.57 33.20
CA LYS A 113 -14.21 23.67 34.65
C LYS A 113 -15.49 23.24 35.35
N ALA A 114 -16.65 23.66 34.83
CA ALA A 114 -17.91 23.20 35.41
C ALA A 114 -18.08 21.69 35.23
N PHE A 115 -17.64 21.14 34.11
CA PHE A 115 -17.80 19.70 33.91
C PHE A 115 -16.92 18.90 34.88
N MET A 116 -15.68 19.34 35.10
CA MET A 116 -14.83 18.65 36.05
C MET A 116 -15.39 18.74 37.48
N GLU A 117 -15.98 19.88 37.83
CA GLU A 117 -16.67 19.96 39.12
C GLU A 117 -17.86 19.00 39.16
N ALA A 118 -18.61 18.92 38.07
CA ALA A 118 -19.71 17.95 38.04
C ALA A 118 -19.19 16.53 38.15
N LEU A 119 -18.10 16.20 37.46
CA LEU A 119 -17.51 14.88 37.57
C LEU A 119 -17.12 14.55 39.01
N GLN A 120 -16.50 15.50 39.71
CA GLN A 120 -16.16 15.26 41.10
C GLN A 120 -17.40 15.04 41.96
N ALA A 121 -18.54 15.58 41.56
CA ALA A 121 -19.77 15.41 42.32
C ALA A 121 -20.59 14.19 41.89
N GLY A 122 -20.10 13.39 40.94
CA GLY A 122 -20.79 12.16 40.57
C GLY A 122 -21.22 12.05 39.12
N ALA A 123 -21.02 13.07 38.29
CA ALA A 123 -21.32 12.97 36.87
C ALA A 123 -20.35 11.98 36.20
N ASP A 124 -20.67 11.62 34.96
CA ASP A 124 -19.80 10.74 34.18
C ASP A 124 -19.53 11.36 32.81
N ILE A 125 -18.61 10.74 32.07
CA ILE A 125 -18.12 11.28 30.79
C ILE A 125 -19.24 11.49 29.78
N SER A 126 -20.27 10.65 29.78
CA SER A 126 -21.29 10.78 28.75
C SER A 126 -22.07 12.09 28.84
N MET A 127 -21.97 12.81 29.95
CA MET A 127 -22.67 14.08 30.12
C MET A 127 -21.90 15.28 29.56
N ILE A 128 -20.77 15.05 28.91
CA ILE A 128 -19.87 16.15 28.54
C ILE A 128 -20.57 17.17 27.65
N GLY A 129 -21.45 16.72 26.74
CA GLY A 129 -22.18 17.62 25.87
C GLY A 129 -23.09 18.60 26.59
N GLN A 130 -23.56 18.25 27.79
CA GLN A 130 -24.36 19.18 28.59
C GLN A 130 -23.54 20.32 29.14
N PHE A 131 -22.24 20.36 28.86
CA PHE A 131 -21.39 21.43 29.34
C PHE A 131 -20.75 22.18 28.18
N GLY A 132 -21.19 21.89 26.95
CA GLY A 132 -20.75 22.59 25.76
C GLY A 132 -19.36 22.25 25.30
N VAL A 133 -18.76 21.18 25.83
CA VAL A 133 -17.36 20.89 25.53
C VAL A 133 -17.21 19.45 25.05
N GLY A 134 -18.25 18.93 24.38
CA GLY A 134 -18.20 17.56 23.91
C GLY A 134 -17.09 17.27 22.92
N PHE A 135 -16.58 18.30 22.23
CA PHE A 135 -15.49 18.10 21.28
C PHE A 135 -14.31 17.36 21.90
N TYR A 136 -13.94 17.70 23.14
CA TYR A 136 -12.76 17.07 23.74
C TYR A 136 -12.94 15.58 23.99
N SER A 137 -14.17 15.05 23.93
CA SER A 137 -14.33 13.60 24.02
C SER A 137 -13.67 12.85 22.86
N ALA A 138 -13.26 13.55 21.78
CA ALA A 138 -12.45 12.92 20.74
C ALA A 138 -11.22 12.20 21.30
N TYR A 139 -10.63 12.73 22.37
CA TYR A 139 -9.42 12.12 22.92
C TYR A 139 -9.68 10.85 23.73
N LEU A 140 -10.94 10.44 23.90
CA LEU A 140 -11.21 9.05 24.31
C LEU A 140 -10.60 8.04 23.34
N VAL A 141 -10.66 8.31 22.05
CA VAL A 141 -10.24 7.36 21.03
C VAL A 141 -9.03 7.82 20.23
N ALA A 142 -8.67 9.10 20.28
CA ALA A 142 -7.66 9.67 19.41
C ALA A 142 -6.48 10.14 20.24
N GLU A 143 -5.27 9.90 19.74
CA GLU A 143 -4.07 10.47 20.32
C GLU A 143 -3.75 11.86 19.79
N LYS A 144 -4.33 12.24 18.65
CA LYS A 144 -4.08 13.52 18.01
C LYS A 144 -5.31 13.89 17.20
N VAL A 145 -5.68 15.16 17.25
CA VAL A 145 -6.87 15.64 16.56
C VAL A 145 -6.48 16.86 15.73
N VAL A 146 -6.90 16.85 14.47
CA VAL A 146 -6.73 17.99 13.58
C VAL A 146 -8.12 18.52 13.26
N VAL A 147 -8.28 19.84 13.29
CA VAL A 147 -9.51 20.51 12.90
C VAL A 147 -9.18 21.47 11.77
N ILE A 148 -9.76 21.23 10.59
CA ILE A 148 -9.63 22.11 9.43
C ILE A 148 -10.95 22.84 9.28
N THR A 149 -10.90 24.15 9.07
CA THR A 149 -12.16 24.86 9.08
C THR A 149 -12.11 26.04 8.12
N LYS A 150 -13.27 26.35 7.54
CA LYS A 150 -13.39 27.43 6.56
C LYS A 150 -14.74 28.11 6.77
N HIS A 151 -14.69 29.38 7.14
CA HIS A 151 -15.84 30.25 7.29
C HIS A 151 -15.91 31.18 6.09
N ASN A 152 -17.14 31.54 5.66
CA ASN A 152 -17.27 32.45 4.52
C ASN A 152 -16.46 33.72 4.69
N ASP A 153 -16.31 34.19 5.93
CA ASP A 153 -15.68 35.48 6.19
C ASP A 153 -14.17 35.38 6.36
N ASP A 154 -13.58 34.21 6.20
CA ASP A 154 -12.18 34.07 6.51
C ASP A 154 -11.55 33.03 5.57
N GLU A 155 -10.27 32.77 5.80
CA GLU A 155 -9.51 31.79 5.07
C GLU A 155 -9.55 30.46 5.80
N GLN A 156 -9.17 29.40 5.10
CA GLN A 156 -9.17 28.05 5.66
C GLN A 156 -7.98 27.90 6.59
N TYR A 157 -8.23 27.36 7.79
CA TYR A 157 -7.21 27.20 8.82
C TYR A 157 -7.20 25.78 9.37
N ALA A 158 -6.06 25.39 9.94
CA ALA A 158 -5.84 24.06 10.50
C ALA A 158 -5.42 24.19 11.96
N TRP A 159 -6.14 23.52 12.85
CA TRP A 159 -5.82 23.44 14.27
C TRP A 159 -5.38 22.02 14.58
N GLU A 160 -4.40 21.84 15.47
CA GLU A 160 -4.08 20.47 15.88
C GLU A 160 -3.58 20.45 17.32
N SER A 161 -3.85 19.34 17.99
CA SER A 161 -3.29 19.12 19.33
C SER A 161 -3.21 17.64 19.61
N SER A 162 -2.11 17.23 20.24
CA SER A 162 -1.96 15.90 20.82
C SER A 162 -2.15 15.90 22.33
N ALA A 163 -2.81 16.91 22.88
CA ALA A 163 -3.15 16.97 24.31
C ALA A 163 -1.92 16.97 25.21
N GLY A 164 -0.86 17.67 24.79
CA GLY A 164 0.23 17.86 25.72
C GLY A 164 0.19 19.20 26.42
N GLY A 165 -0.97 19.85 26.45
CA GLY A 165 -1.09 21.18 27.02
C GLY A 165 -1.06 22.32 26.00
N SER A 166 -0.79 22.01 24.73
CA SER A 166 -0.68 23.05 23.70
C SER A 166 -1.36 22.61 22.42
N PHE A 167 -1.61 23.59 21.54
CA PHE A 167 -2.15 23.36 20.22
C PHE A 167 -1.47 24.31 19.23
N THR A 168 -1.57 23.99 17.95
CA THR A 168 -1.04 24.89 16.92
C THR A 168 -2.15 25.27 15.95
N VAL A 169 -2.03 26.46 15.37
CA VAL A 169 -2.94 26.95 14.34
C VAL A 169 -2.11 27.46 13.17
N ARG A 170 -2.52 27.14 11.96
CA ARG A 170 -1.79 27.61 10.78
C ARG A 170 -2.75 27.77 9.62
N ALA A 171 -2.42 28.66 8.70
CA ALA A 171 -3.14 28.73 7.44
C ALA A 171 -3.07 27.36 6.76
N ASP A 172 -4.23 26.86 6.32
CA ASP A 172 -4.27 25.55 5.69
C ASP A 172 -4.14 25.76 4.19
N HIS A 173 -3.00 25.36 3.64
CA HIS A 173 -2.83 25.26 2.20
C HIS A 173 -2.94 23.79 1.83
N GLY A 174 -4.14 23.26 2.03
CA GLY A 174 -4.45 21.90 1.68
C GLY A 174 -5.69 21.87 0.82
N GLU A 175 -6.25 20.68 0.62
CA GLU A 175 -7.48 20.51 -0.13
C GLU A 175 -8.56 21.45 0.39
N PRO A 176 -9.03 22.40 -0.42
CA PRO A 176 -10.01 23.37 0.08
C PRO A 176 -11.38 22.73 0.29
N ILE A 177 -11.99 23.01 1.44
CA ILE A 177 -13.26 22.38 1.80
C ILE A 177 -14.47 23.23 1.46
N GLY A 178 -14.27 24.43 0.90
CA GLY A 178 -15.37 25.30 0.54
C GLY A 178 -15.99 26.05 1.69
N ARG A 179 -16.59 25.32 2.62
CA ARG A 179 -17.16 25.90 3.82
C ARG A 179 -17.48 24.76 4.76
N GLY A 180 -17.19 24.96 6.05
CA GLY A 180 -17.48 23.98 7.06
C GLY A 180 -16.25 23.63 7.86
N THR A 181 -16.24 22.40 8.37
CA THR A 181 -15.23 21.95 9.32
C THR A 181 -14.97 20.48 9.07
N LYS A 182 -13.71 20.11 9.13
CA LYS A 182 -13.24 18.74 9.00
C LYS A 182 -12.47 18.40 10.25
N VAL A 183 -12.86 17.32 10.92
CA VAL A 183 -12.18 16.83 12.13
C VAL A 183 -11.48 15.52 11.77
N ILE A 184 -10.16 15.48 11.95
CA ILE A 184 -9.38 14.28 11.64
C ILE A 184 -8.89 13.68 12.95
N LEU A 185 -9.35 12.46 13.23
CA LEU A 185 -8.96 11.78 14.46
C LEU A 185 -7.87 10.75 14.15
N HIS A 186 -6.69 10.96 14.73
CA HIS A 186 -5.61 9.96 14.67
C HIS A 186 -5.84 9.01 15.84
N LEU A 187 -6.33 7.80 15.54
CA LEU A 187 -6.85 6.90 16.57
C LEU A 187 -5.73 6.23 17.37
N LYS A 188 -5.99 6.05 18.66
CA LYS A 188 -5.13 5.21 19.49
C LYS A 188 -5.10 3.78 18.96
N GLU A 189 -3.97 3.11 19.22
CA GLU A 189 -3.72 1.76 18.71
C GLU A 189 -4.85 0.79 19.06
N ASP A 190 -5.44 0.92 20.25
CA ASP A 190 -6.45 -0.02 20.70
C ASP A 190 -7.88 0.42 20.38
N GLN A 191 -8.04 1.44 19.54
CA GLN A 191 -9.36 1.98 19.22
C GLN A 191 -9.64 1.91 17.72
N THR A 192 -8.94 1.04 16.99
CA THR A 192 -9.10 0.94 15.56
C THR A 192 -10.41 0.27 15.14
N GLU A 193 -11.23 -0.19 16.10
CA GLU A 193 -12.54 -0.71 15.72
C GLU A 193 -13.36 0.35 14.99
N TYR A 194 -13.13 1.63 15.27
CA TYR A 194 -13.86 2.72 14.63
C TYR A 194 -13.35 3.02 13.22
N LEU A 195 -12.39 2.23 12.72
CA LEU A 195 -12.06 2.20 11.31
C LEU A 195 -12.87 1.18 10.53
N GLU A 196 -13.48 0.21 11.22
CA GLU A 196 -14.35 -0.77 10.59
C GLU A 196 -15.74 -0.18 10.46
N GLU A 197 -16.35 -0.36 9.31
CA GLU A 197 -17.57 0.41 9.14
C GLU A 197 -18.84 -0.26 9.62
N ARG A 198 -18.81 -1.58 9.79
CA ARG A 198 -19.84 -2.21 10.58
C ARG A 198 -19.95 -1.55 11.95
N ARG A 199 -18.82 -1.13 12.51
CA ARG A 199 -18.82 -0.51 13.82
C ARG A 199 -19.35 0.93 13.73
N VAL A 200 -18.84 1.70 12.77
CA VAL A 200 -19.28 3.09 12.64
C VAL A 200 -20.79 3.18 12.41
N LYS A 201 -21.34 2.31 11.55
CA LYS A 201 -22.80 2.27 11.34
C LYS A 201 -23.55 2.03 12.63
N GLU A 202 -23.16 0.96 13.33
CA GLU A 202 -23.67 0.68 14.66
C GLU A 202 -23.75 1.96 15.51
N VAL A 203 -22.67 2.72 15.56
CA VAL A 203 -22.60 3.87 16.48
C VAL A 203 -23.52 5.00 16.01
N VAL A 204 -23.49 5.32 14.71
CA VAL A 204 -24.41 6.33 14.17
C VAL A 204 -25.85 5.92 14.39
N LYS A 205 -26.17 4.65 14.14
CA LYS A 205 -27.55 4.21 14.29
C LYS A 205 -27.99 4.30 15.75
N LYS A 206 -27.06 4.02 16.67
CA LYS A 206 -27.40 3.99 18.09
C LYS A 206 -27.59 5.41 18.64
N HIS A 207 -26.76 6.36 18.22
CA HIS A 207 -26.68 7.65 18.90
C HIS A 207 -27.15 8.85 18.07
N SER A 208 -27.16 8.74 16.74
CA SER A 208 -27.40 9.92 15.93
C SER A 208 -28.51 9.66 14.92
N GLN A 209 -29.48 8.83 15.30
CA GLN A 209 -30.51 8.39 14.38
C GLN A 209 -31.52 9.47 14.05
N PHE A 210 -31.50 10.62 14.75
CA PHE A 210 -32.48 11.65 14.44
C PHE A 210 -31.82 13.00 14.20
N ILE A 211 -30.59 12.98 13.72
CA ILE A 211 -29.96 14.18 13.19
C ILE A 211 -30.67 14.60 11.91
N GLY A 212 -30.86 15.91 11.72
CA GLY A 212 -31.64 16.39 10.60
C GLY A 212 -30.87 16.61 9.31
N TYR A 213 -29.69 16.00 9.19
CA TYR A 213 -28.89 16.10 7.97
C TYR A 213 -28.40 14.72 7.56
N PRO A 214 -28.14 14.52 6.27
CA PRO A 214 -27.65 13.21 5.82
C PRO A 214 -26.23 12.94 6.30
N ILE A 215 -26.00 11.71 6.75
CA ILE A 215 -24.68 11.24 7.16
C ILE A 215 -24.28 10.14 6.19
N THR A 216 -23.22 10.40 5.43
CA THR A 216 -22.71 9.43 4.46
C THR A 216 -21.38 8.84 4.94
N LEU A 217 -21.22 7.53 4.77
CA LEU A 217 -19.97 6.85 5.10
C LEU A 217 -19.19 6.50 3.83
N TYR A 218 -17.87 6.71 3.87
CA TYR A 218 -17.02 6.52 2.70
C TYR A 218 -16.06 5.36 2.97
N LEU A 219 -16.59 4.15 2.79
CA LEU A 219 -15.80 2.93 2.64
C LEU A 219 -16.74 1.78 2.30
N GLU B 11 -12.75 5.10 -8.75
CA GLU B 11 -11.30 5.03 -8.80
C GLU B 11 -10.69 5.00 -7.43
N GLU B 12 -9.53 4.39 -7.36
CA GLU B 12 -8.88 4.17 -6.08
C GLU B 12 -8.12 5.39 -5.61
N GLU B 13 -8.34 5.75 -4.35
CA GLU B 13 -7.74 6.95 -3.79
C GLU B 13 -6.22 6.81 -3.66
N VAL B 14 -5.77 5.83 -2.88
CA VAL B 14 -4.36 5.59 -2.60
C VAL B 14 -3.98 4.26 -3.23
N GLU B 15 -2.83 4.22 -3.90
CA GLU B 15 -2.32 2.99 -4.49
C GLU B 15 -0.97 2.66 -3.86
N THR B 16 -0.81 1.41 -3.41
CA THR B 16 0.45 0.94 -2.83
C THR B 16 1.13 -0.03 -3.81
N PHE B 17 2.42 0.18 -4.07
CA PHE B 17 3.18 -0.69 -4.97
C PHE B 17 4.49 -1.11 -4.30
N ALA B 18 5.03 -2.26 -4.71
CA ALA B 18 6.35 -2.69 -4.24
C ALA B 18 7.45 -2.17 -5.16
N PHE B 19 8.60 -1.81 -4.58
CA PHE B 19 9.79 -1.49 -5.37
C PHE B 19 10.31 -2.73 -6.06
N GLN B 20 10.98 -2.54 -7.20
CA GLN B 20 11.83 -3.60 -7.70
C GLN B 20 12.78 -4.04 -6.59
N ALA B 21 13.00 -5.36 -6.48
CA ALA B 21 13.81 -5.92 -5.40
C ALA B 21 15.15 -5.19 -5.26
N GLU B 22 15.78 -4.85 -6.38
CA GLU B 22 17.11 -4.23 -6.34
C GLU B 22 17.05 -2.81 -5.78
N ILE B 23 15.98 -2.06 -6.08
CA ILE B 23 15.79 -0.74 -5.47
C ILE B 23 15.61 -0.89 -3.96
N ALA B 24 14.77 -1.84 -3.53
CA ALA B 24 14.54 -2.08 -2.10
C ALA B 24 15.83 -2.51 -1.40
N GLN B 25 16.64 -3.36 -2.05
CA GLN B 25 17.91 -3.75 -1.46
C GLN B 25 18.82 -2.54 -1.22
N LEU B 26 18.91 -1.65 -2.20
CA LEU B 26 19.74 -0.46 -2.02
C LEU B 26 19.17 0.45 -0.93
N MET B 27 17.84 0.62 -0.90
CA MET B 27 17.24 1.48 0.12
C MET B 27 17.53 0.95 1.51
N SER B 28 17.46 -0.38 1.67
CA SER B 28 17.76 -0.99 2.97
C SER B 28 19.22 -0.77 3.35
N LEU B 29 20.14 -0.89 2.38
CA LEU B 29 21.54 -0.61 2.67
C LEU B 29 21.73 0.86 3.04
N ILE B 30 21.15 1.77 2.27
CA ILE B 30 21.33 3.20 2.52
C ILE B 30 20.77 3.59 3.89
N ILE B 31 19.58 3.09 4.23
CA ILE B 31 18.94 3.58 5.44
C ILE B 31 19.61 3.03 6.69
N ASN B 32 20.40 1.96 6.56
CA ASN B 32 21.05 1.36 7.71
C ASN B 32 22.56 1.58 7.77
N THR B 33 23.18 2.17 6.74
CA THR B 33 24.63 2.30 6.71
C THR B 33 25.12 3.35 7.70
N PHE B 34 26.30 3.10 8.28
CA PHE B 34 26.92 4.06 9.19
C PHE B 34 27.88 5.01 8.48
N TYR B 35 27.91 4.99 7.14
CA TYR B 35 28.62 5.94 6.31
C TYR B 35 28.59 7.34 6.92
N SER B 36 29.78 7.90 7.19
CA SER B 36 29.87 9.12 7.98
C SER B 36 29.60 10.39 7.17
N ASN B 37 29.63 10.32 5.85
CA ASN B 37 29.56 11.51 5.00
C ASN B 37 28.16 11.67 4.44
N LYS B 38 27.18 11.76 5.35
CA LYS B 38 25.78 11.69 4.95
C LYS B 38 25.32 12.97 4.24
N GLU B 39 26.06 14.06 4.36
CA GLU B 39 25.63 15.34 3.80
C GLU B 39 25.51 15.31 2.28
N ILE B 40 26.09 14.30 1.62
CA ILE B 40 26.01 14.24 0.16
C ILE B 40 24.57 14.10 -0.33
N PHE B 41 23.62 13.77 0.54
CA PHE B 41 22.23 13.59 0.11
C PHE B 41 21.69 14.87 -0.54
N LEU B 42 22.07 16.03 0.00
CA LEU B 42 21.53 17.30 -0.48
C LEU B 42 22.01 17.61 -1.89
N ARG B 43 23.29 17.36 -2.15
CA ARG B 43 23.84 17.51 -3.50
C ARG B 43 23.05 16.68 -4.52
N GLU B 44 22.68 15.44 -4.14
CA GLU B 44 21.98 14.57 -5.08
C GLU B 44 20.58 15.09 -5.37
N LEU B 45 19.89 15.59 -4.35
CA LEU B 45 18.56 16.13 -4.56
C LEU B 45 18.61 17.41 -5.39
N ILE B 46 19.56 18.29 -5.10
CA ILE B 46 19.68 19.52 -5.86
C ILE B 46 20.04 19.22 -7.30
N SER B 47 20.91 18.23 -7.52
CA SER B 47 21.27 17.85 -8.88
C SER B 47 20.07 17.36 -9.67
N ASN B 48 19.18 16.58 -9.03
CA ASN B 48 17.94 16.19 -9.70
C ASN B 48 17.08 17.40 -10.01
N ALA B 49 16.92 18.29 -9.03
CA ALA B 49 16.21 19.56 -9.26
C ALA B 49 16.80 20.33 -10.42
N SER B 50 18.13 20.44 -10.46
CA SER B 50 18.79 21.16 -11.54
C SER B 50 18.49 20.52 -12.89
N ASP B 51 18.53 19.19 -12.97
CA ASP B 51 18.21 18.51 -14.22
C ASP B 51 16.76 18.79 -14.64
N ALA B 52 15.82 18.77 -13.69
CA ALA B 52 14.42 19.03 -14.03
C ALA B 52 14.21 20.47 -14.50
N LEU B 53 14.94 21.41 -13.91
CA LEU B 53 14.84 22.80 -14.31
C LEU B 53 15.41 23.01 -15.71
N ASP B 54 16.54 22.37 -16.01
CA ASP B 54 17.07 22.40 -17.38
C ASP B 54 16.03 21.94 -18.38
N LYS B 55 15.28 20.89 -18.03
CA LYS B 55 14.30 20.30 -18.96
C LYS B 55 13.19 21.29 -19.29
N ILE B 56 12.61 21.95 -18.28
CA ILE B 56 11.55 22.92 -18.56
C ILE B 56 12.13 24.17 -19.20
N ARG B 57 13.29 24.64 -18.74
CA ARG B 57 13.89 25.83 -19.36
C ARG B 57 14.08 25.60 -20.84
N TYR B 58 14.70 24.47 -21.18
CA TYR B 58 14.90 24.03 -22.55
C TYR B 58 13.59 23.94 -23.34
N GLU B 59 12.61 23.22 -22.80
CA GLU B 59 11.33 23.06 -23.49
C GLU B 59 10.63 24.39 -23.72
N SER B 60 10.85 25.37 -22.82
CA SER B 60 10.18 26.66 -22.95
C SER B 60 10.81 27.54 -24.02
N LEU B 61 12.00 27.22 -24.50
CA LEU B 61 12.62 28.05 -25.53
C LEU B 61 11.87 27.94 -26.85
N THR B 62 11.33 26.76 -27.16
CA THR B 62 10.50 26.56 -28.34
C THR B 62 9.01 26.62 -28.05
N ASP B 63 8.61 26.71 -26.78
CA ASP B 63 7.20 26.81 -26.41
C ASP B 63 7.09 27.58 -25.09
N PRO B 64 7.07 28.91 -25.16
CA PRO B 64 6.95 29.71 -23.92
C PRO B 64 5.68 29.46 -23.12
N SER B 65 4.64 28.87 -23.72
CA SER B 65 3.41 28.60 -22.96
C SER B 65 3.61 27.56 -21.88
N LYS B 66 4.65 26.72 -21.97
CA LYS B 66 4.93 25.77 -20.91
C LYS B 66 5.38 26.43 -19.61
N LEU B 67 5.70 27.72 -19.64
CA LEU B 67 5.99 28.46 -18.43
C LEU B 67 4.77 29.19 -17.87
N ASP B 68 3.58 29.00 -18.48
CA ASP B 68 2.37 29.59 -17.92
C ASP B 68 2.13 29.12 -16.49
N SER B 69 2.56 27.90 -16.16
CA SER B 69 2.39 27.39 -14.81
C SER B 69 3.30 28.11 -13.82
N GLY B 70 4.44 28.60 -14.29
CA GLY B 70 5.36 29.32 -13.43
C GLY B 70 6.60 29.81 -14.15
N LYS B 71 6.86 31.11 -14.09
CA LYS B 71 7.97 31.69 -14.85
C LYS B 71 9.32 31.45 -14.17
N GLU B 72 9.40 31.46 -12.85
CA GLU B 72 10.70 31.45 -12.19
C GLU B 72 11.25 30.02 -12.13
N LEU B 73 12.54 29.89 -12.40
CA LEU B 73 13.23 28.60 -12.35
C LEU B 73 14.14 28.65 -11.13
N LYS B 74 13.74 27.97 -10.07
CA LYS B 74 14.40 28.20 -8.80
C LYS B 74 14.33 26.94 -7.94
N ILE B 75 15.10 26.95 -6.86
CA ILE B 75 15.10 25.88 -5.88
C ILE B 75 14.96 26.53 -4.52
N ASP B 76 14.06 26.01 -3.70
CA ASP B 76 13.85 26.52 -2.35
C ASP B 76 14.09 25.39 -1.35
N ILE B 77 14.79 25.71 -0.27
CA ILE B 77 15.14 24.73 0.77
C ILE B 77 14.59 25.26 2.09
N ILE B 78 13.74 24.45 2.73
CA ILE B 78 12.97 24.87 3.88
C ILE B 78 13.14 23.87 5.03
N PRO B 79 13.99 24.16 6.01
CA PRO B 79 14.04 23.33 7.21
C PRO B 79 12.94 23.72 8.17
N ASN B 80 12.35 22.71 8.81
CA ASN B 80 11.28 22.95 9.78
C ASN B 80 11.59 22.14 11.03
N PRO B 81 12.22 22.75 12.03
CA PRO B 81 12.61 21.98 13.22
C PRO B 81 11.44 21.44 14.02
N GLN B 82 10.30 22.14 14.03
CA GLN B 82 9.15 21.69 14.80
C GLN B 82 8.59 20.38 14.23
N GLU B 83 8.59 20.24 12.91
CA GLU B 83 8.10 19.04 12.24
C GLU B 83 9.21 18.05 11.93
N ARG B 84 10.47 18.45 12.16
CA ARG B 84 11.63 17.61 11.85
C ARG B 84 11.61 17.23 10.37
N THR B 85 11.30 18.19 9.51
CA THR B 85 11.31 17.99 8.06
C THR B 85 12.24 18.99 7.39
N LEU B 86 12.91 18.54 6.34
CA LEU B 86 13.63 19.41 5.42
C LEU B 86 13.02 19.25 4.03
N THR B 87 12.62 20.36 3.42
CA THR B 87 11.87 20.36 2.18
C THR B 87 12.66 21.05 1.08
N LEU B 88 12.77 20.41 -0.09
CA LEU B 88 13.32 21.01 -1.28
C LEU B 88 12.23 21.10 -2.34
N VAL B 89 11.97 22.31 -2.83
CA VAL B 89 10.99 22.54 -3.87
C VAL B 89 11.69 23.17 -5.07
N ASP B 90 11.46 22.61 -6.25
CA ASP B 90 11.97 23.23 -7.46
C ASP B 90 10.80 23.47 -8.40
N THR B 91 10.99 24.41 -9.34
CA THR B 91 9.97 24.69 -10.35
C THR B 91 10.39 24.11 -11.69
N GLY B 92 10.94 22.89 -11.68
CA GLY B 92 11.33 22.21 -12.89
C GLY B 92 10.14 21.64 -13.62
N ILE B 93 10.43 20.73 -14.55
CA ILE B 93 9.42 20.14 -15.41
C ILE B 93 8.43 19.28 -14.64
N GLY B 94 8.81 18.74 -13.46
CA GLY B 94 7.88 17.88 -12.74
C GLY B 94 7.72 16.52 -13.40
N MET B 95 6.82 15.72 -12.83
CA MET B 95 6.63 14.34 -13.26
C MET B 95 5.15 14.01 -13.41
N THR B 96 4.78 13.37 -14.52
CA THR B 96 3.46 12.78 -14.62
C THR B 96 3.34 11.62 -13.64
N LYS B 97 2.10 11.13 -13.45
CA LYS B 97 1.88 10.00 -12.58
C LYS B 97 2.63 8.77 -13.06
N ALA B 98 2.55 8.46 -14.35
CA ALA B 98 3.24 7.29 -14.87
C ALA B 98 4.74 7.40 -14.66
N ASP B 99 5.32 8.58 -14.91
CA ASP B 99 6.76 8.74 -14.74
C ASP B 99 7.15 8.70 -13.26
N LEU B 100 6.28 9.23 -12.40
CA LEU B 100 6.55 9.19 -10.97
C LEU B 100 6.65 7.74 -10.48
N ILE B 101 5.65 6.91 -10.82
CA ILE B 101 5.68 5.50 -10.43
C ILE B 101 6.86 4.79 -11.10
N ASN B 102 7.02 4.99 -12.40
CA ASN B 102 8.08 4.28 -13.13
C ASN B 102 9.46 4.68 -12.62
N ASN B 103 9.74 5.98 -12.55
CA ASN B 103 11.09 6.45 -12.23
C ASN B 103 11.53 6.04 -10.83
N LEU B 104 10.63 6.16 -9.84
CA LEU B 104 11.03 5.88 -8.46
C LEU B 104 10.82 4.42 -8.07
N GLY B 105 9.87 3.74 -8.69
CA GLY B 105 9.55 2.40 -8.25
C GLY B 105 10.10 1.31 -9.15
N THR B 106 10.47 1.64 -10.40
CA THR B 106 10.72 0.56 -11.35
C THR B 106 12.01 0.73 -12.16
N ILE B 107 12.12 1.81 -12.95
CA ILE B 107 13.23 1.85 -13.89
C ILE B 107 14.53 2.23 -13.23
N ALA B 108 14.52 2.61 -11.96
CA ALA B 108 15.79 2.73 -11.25
C ALA B 108 16.46 1.38 -10.98
N LYS B 109 15.83 0.27 -11.40
CA LYS B 109 16.39 -1.06 -11.12
C LYS B 109 17.82 -1.20 -11.65
N SER B 110 18.05 -0.82 -12.92
CA SER B 110 19.36 -1.03 -13.53
C SER B 110 20.44 -0.27 -12.79
N GLY B 111 20.18 1.01 -12.51
CA GLY B 111 21.16 1.82 -11.80
C GLY B 111 21.43 1.32 -10.38
N THR B 112 20.36 0.96 -9.64
CA THR B 112 20.59 0.53 -8.27
C THR B 112 21.31 -0.81 -8.23
N LYS B 113 21.02 -1.69 -9.19
CA LYS B 113 21.77 -2.96 -9.27
C LYS B 113 23.22 -2.71 -9.61
N ALA B 114 23.48 -1.91 -10.67
CA ALA B 114 24.86 -1.62 -11.03
C ALA B 114 25.60 -0.93 -9.89
N PHE B 115 24.89 -0.12 -9.10
CA PHE B 115 25.57 0.60 -8.02
C PHE B 115 25.96 -0.34 -6.89
N MET B 116 25.08 -1.28 -6.54
CA MET B 116 25.41 -2.25 -5.50
C MET B 116 26.56 -3.15 -5.93
N GLU B 117 26.58 -3.56 -7.20
CA GLU B 117 27.74 -4.29 -7.73
C GLU B 117 29.00 -3.46 -7.61
N ALA B 118 28.92 -2.16 -7.94
CA ALA B 118 30.07 -1.29 -7.77
C ALA B 118 30.49 -1.20 -6.32
N LEU B 119 29.52 -1.10 -5.41
CA LEU B 119 29.81 -1.02 -3.98
C LEU B 119 30.58 -2.24 -3.49
N GLN B 120 30.12 -3.44 -3.86
CA GLN B 120 30.84 -4.62 -3.36
C GLN B 120 32.22 -4.74 -4.01
N ALA B 121 32.45 -4.11 -5.16
CA ALA B 121 33.79 -4.07 -5.73
C ALA B 121 34.65 -2.94 -5.17
N GLY B 122 34.16 -2.20 -4.18
CA GLY B 122 34.95 -1.19 -3.53
C GLY B 122 34.59 0.25 -3.82
N ALA B 123 33.49 0.51 -4.52
CA ALA B 123 33.02 1.87 -4.70
C ALA B 123 32.53 2.43 -3.37
N ASP B 124 32.32 3.74 -3.31
CA ASP B 124 31.81 4.37 -2.11
C ASP B 124 30.46 5.02 -2.38
N ILE B 125 29.75 5.32 -1.29
CA ILE B 125 28.36 5.74 -1.38
C ILE B 125 28.23 7.08 -2.10
N SER B 126 29.25 7.93 -2.02
CA SER B 126 29.16 9.23 -2.67
C SER B 126 29.18 9.15 -4.19
N MET B 127 29.46 7.99 -4.76
CA MET B 127 29.38 7.79 -6.21
C MET B 127 27.97 7.52 -6.72
N ILE B 128 26.96 7.52 -5.84
CA ILE B 128 25.62 7.06 -6.19
C ILE B 128 25.06 7.79 -7.41
N GLY B 129 25.36 9.08 -7.56
CA GLY B 129 24.81 9.85 -8.67
C GLY B 129 25.36 9.45 -10.04
N GLN B 130 26.54 8.83 -10.08
CA GLN B 130 27.04 8.32 -11.35
C GLN B 130 26.26 7.10 -11.85
N PHE B 131 25.35 6.57 -11.05
CA PHE B 131 24.49 5.48 -11.47
C PHE B 131 23.06 5.94 -11.65
N GLY B 132 22.81 7.24 -11.60
CA GLY B 132 21.51 7.82 -11.87
C GLY B 132 20.48 7.60 -10.80
N VAL B 133 20.89 7.19 -9.58
CA VAL B 133 19.93 6.83 -8.55
C VAL B 133 20.22 7.58 -7.25
N GLY B 134 20.79 8.79 -7.38
CA GLY B 134 21.16 9.56 -6.20
C GLY B 134 19.99 9.96 -5.32
N PHE B 135 18.78 9.96 -5.85
CA PHE B 135 17.60 10.28 -5.04
C PHE B 135 17.54 9.43 -3.77
N TYR B 136 17.88 8.14 -3.87
CA TYR B 136 17.73 7.24 -2.73
C TYR B 136 18.70 7.56 -1.60
N SER B 137 19.73 8.38 -1.84
CA SER B 137 20.59 8.82 -0.73
C SER B 137 19.84 9.68 0.27
N ALA B 138 18.61 10.10 -0.02
CA ALA B 138 17.81 10.81 0.98
C ALA B 138 17.64 9.98 2.25
N TYR B 139 17.61 8.65 2.13
CA TYR B 139 17.40 7.79 3.27
C TYR B 139 18.64 7.67 4.17
N LEU B 140 19.76 8.29 3.79
CA LEU B 140 20.86 8.50 4.72
C LEU B 140 20.43 9.31 5.94
N VAL B 141 19.58 10.32 5.73
CA VAL B 141 19.17 11.21 6.81
C VAL B 141 17.68 11.14 7.13
N ALA B 142 16.87 10.57 6.24
CA ALA B 142 15.41 10.57 6.37
C ALA B 142 14.89 9.18 6.65
N GLU B 143 13.96 9.07 7.61
CA GLU B 143 13.22 7.85 7.84
C GLU B 143 12.03 7.70 6.90
N LYS B 144 11.57 8.80 6.30
CA LYS B 144 10.45 8.77 5.37
C LYS B 144 10.60 9.92 4.41
N VAL B 145 10.23 9.70 3.15
CA VAL B 145 10.36 10.71 2.11
C VAL B 145 9.03 10.82 1.39
N VAL B 146 8.57 12.05 1.19
CA VAL B 146 7.37 12.35 0.42
C VAL B 146 7.83 13.13 -0.80
N VAL B 147 7.29 12.78 -1.97
CA VAL B 147 7.58 13.51 -3.20
C VAL B 147 6.25 13.99 -3.77
N ILE B 148 6.07 15.30 -3.84
CA ILE B 148 4.91 15.94 -4.45
C ILE B 148 5.34 16.45 -5.81
N THR B 149 4.54 16.23 -6.85
CA THR B 149 5.01 16.61 -8.16
C THR B 149 3.86 17.00 -9.06
N LYS B 150 4.14 17.97 -9.94
CA LYS B 150 3.15 18.52 -10.87
C LYS B 150 3.84 18.78 -12.20
N HIS B 151 3.37 18.10 -13.23
CA HIS B 151 3.82 18.26 -14.60
C HIS B 151 2.71 18.92 -15.40
N ASN B 152 3.07 19.78 -16.36
CA ASN B 152 2.07 20.48 -17.15
C ASN B 152 1.04 19.53 -17.77
N ASP B 153 1.45 18.30 -18.07
CA ASP B 153 0.58 17.37 -18.79
C ASP B 153 -0.30 16.52 -17.89
N ASP B 154 -0.30 16.76 -16.58
CA ASP B 154 -0.98 15.87 -15.65
C ASP B 154 -1.40 16.67 -14.42
N GLU B 155 -2.05 15.99 -13.49
CA GLU B 155 -2.45 16.56 -12.21
C GLU B 155 -1.33 16.40 -11.19
N GLN B 156 -1.56 16.91 -9.98
CA GLN B 156 -0.55 16.88 -8.93
C GLN B 156 -0.69 15.59 -8.13
N TYR B 157 0.42 14.91 -7.92
CA TYR B 157 0.45 13.61 -7.24
C TYR B 157 1.40 13.65 -6.06
N ALA B 158 1.14 12.77 -5.09
CA ALA B 158 1.98 12.60 -3.90
C ALA B 158 2.47 11.16 -3.84
N TRP B 159 3.79 11.00 -3.73
CA TRP B 159 4.48 9.72 -3.59
C TRP B 159 5.12 9.70 -2.21
N GLU B 160 5.15 8.52 -1.59
CA GLU B 160 5.68 8.45 -0.23
C GLU B 160 6.24 7.07 0.07
N SER B 161 7.39 7.03 0.75
CA SER B 161 7.91 5.73 1.17
C SER B 161 8.75 5.87 2.44
N SER B 162 8.60 4.91 3.36
CA SER B 162 9.50 4.77 4.50
C SER B 162 10.46 3.61 4.35
N ALA B 163 10.71 3.17 3.11
CA ALA B 163 11.70 2.12 2.82
C ALA B 163 11.32 0.79 3.46
N GLY B 164 10.03 0.46 3.48
CA GLY B 164 9.61 -0.87 3.90
C GLY B 164 9.44 -1.87 2.77
N GLY B 165 9.92 -1.54 1.56
CA GLY B 165 9.69 -2.37 0.41
C GLY B 165 8.62 -1.83 -0.52
N SER B 166 7.84 -0.85 -0.08
CA SER B 166 6.72 -0.38 -0.87
C SER B 166 6.63 1.15 -0.81
N PHE B 167 5.85 1.69 -1.74
CA PHE B 167 5.55 3.12 -1.74
C PHE B 167 4.08 3.29 -2.02
N THR B 168 3.57 4.49 -1.76
CA THR B 168 2.18 4.80 -2.08
C THR B 168 2.18 6.00 -3.02
N VAL B 169 1.21 6.03 -3.93
CA VAL B 169 0.98 7.18 -4.79
C VAL B 169 -0.50 7.54 -4.70
N ARG B 170 -0.79 8.84 -4.64
CA ARG B 170 -2.18 9.29 -4.56
C ARG B 170 -2.28 10.66 -5.21
N ALA B 171 -3.45 10.94 -5.78
CA ALA B 171 -3.77 12.30 -6.17
C ALA B 171 -3.60 13.24 -4.98
N ASP B 172 -2.94 14.37 -5.22
CA ASP B 172 -2.66 15.35 -4.18
C ASP B 172 -3.47 16.61 -4.50
N HIS B 173 -4.55 16.81 -3.75
CA HIS B 173 -5.36 18.01 -3.90
C HIS B 173 -4.92 19.13 -2.96
N GLY B 174 -3.81 18.92 -2.23
CA GLY B 174 -3.27 19.91 -1.33
C GLY B 174 -2.79 21.17 -2.00
N GLU B 175 -1.93 21.94 -1.33
CA GLU B 175 -1.44 23.20 -1.86
C GLU B 175 -0.84 23.00 -3.25
N PRO B 176 -1.43 23.60 -4.29
CA PRO B 176 -0.87 23.44 -5.64
C PRO B 176 0.51 24.06 -5.72
N ILE B 177 1.46 23.30 -6.29
CA ILE B 177 2.81 23.84 -6.48
C ILE B 177 2.97 24.47 -7.86
N GLY B 178 1.96 24.37 -8.72
CA GLY B 178 2.00 25.01 -10.03
C GLY B 178 2.70 24.16 -11.07
N ARG B 179 3.99 23.92 -10.87
CA ARG B 179 4.77 23.03 -11.71
C ARG B 179 6.08 22.76 -10.98
N GLY B 180 6.52 21.50 -11.00
CA GLY B 180 7.79 21.16 -10.42
C GLY B 180 7.65 19.98 -9.48
N THR B 181 8.58 19.90 -8.53
CA THR B 181 8.65 18.78 -7.60
C THR B 181 9.05 19.28 -6.23
N LYS B 182 8.38 18.78 -5.21
CA LYS B 182 8.72 19.06 -3.82
C LYS B 182 9.10 17.76 -3.14
N VAL B 183 10.29 17.71 -2.53
CA VAL B 183 10.78 16.56 -1.78
C VAL B 183 10.76 16.92 -0.31
N ILE B 184 10.06 16.12 0.50
CA ILE B 184 9.94 16.35 1.94
C ILE B 184 10.66 15.22 2.66
N LEU B 185 11.71 15.57 3.39
CA LEU B 185 12.48 14.60 4.16
C LEU B 185 12.03 14.64 5.61
N HIS B 186 11.52 13.53 6.11
CA HIS B 186 11.25 13.37 7.54
C HIS B 186 12.50 12.80 8.18
N LEU B 187 13.23 13.63 8.92
CA LEU B 187 14.60 13.30 9.29
C LEU B 187 14.66 12.31 10.45
N LYS B 188 15.67 11.43 10.41
CA LYS B 188 15.97 10.58 11.55
C LYS B 188 16.30 11.43 12.77
N GLU B 189 16.22 10.80 13.95
CA GLU B 189 16.40 11.54 15.19
C GLU B 189 17.81 12.12 15.28
N ASP B 190 18.82 11.38 14.83
CA ASP B 190 20.20 11.79 14.98
C ASP B 190 20.73 12.59 13.77
N GLN B 191 19.85 12.99 12.86
CA GLN B 191 20.27 13.77 11.69
C GLN B 191 19.65 15.15 11.67
N THR B 192 19.27 15.69 12.83
CA THR B 192 18.58 16.98 12.89
C THR B 192 19.50 18.17 12.65
N GLU B 193 20.82 17.96 12.56
CA GLU B 193 21.72 19.05 12.19
C GLU B 193 21.30 19.71 10.87
N TYR B 194 20.64 18.96 9.98
CA TYR B 194 20.23 19.50 8.69
C TYR B 194 18.94 20.32 8.78
N LEU B 195 18.42 20.53 9.98
CA LEU B 195 17.39 21.54 10.21
C LEU B 195 17.99 22.90 10.55
N GLU B 196 19.31 23.00 10.60
CA GLU B 196 19.96 24.20 11.11
C GLU B 196 20.41 25.11 9.97
N GLU B 197 20.25 26.42 10.21
CA GLU B 197 20.64 27.51 9.34
C GLU B 197 22.07 27.32 8.84
N ARG B 198 23.00 27.37 9.80
CA ARG B 198 24.42 27.26 9.51
C ARG B 198 24.74 26.01 8.69
N ARG B 199 24.10 24.89 9.02
CA ARG B 199 24.51 23.61 8.47
C ARG B 199 24.14 23.49 6.99
N VAL B 200 22.88 23.78 6.66
CA VAL B 200 22.45 23.64 5.27
C VAL B 200 23.29 24.53 4.35
N LYS B 201 23.61 25.75 4.81
CA LYS B 201 24.49 26.65 4.05
C LYS B 201 25.84 26.01 3.75
N GLU B 202 26.50 25.48 4.78
CA GLU B 202 27.75 24.76 4.59
C GLU B 202 27.63 23.73 3.47
N VAL B 203 26.57 22.93 3.50
CA VAL B 203 26.47 21.81 2.57
C VAL B 203 26.25 22.34 1.15
N VAL B 204 25.35 23.31 1.00
CA VAL B 204 25.12 23.87 -0.32
C VAL B 204 26.40 24.49 -0.87
N LYS B 205 27.13 25.24 -0.02
CA LYS B 205 28.33 25.93 -0.49
C LYS B 205 29.42 24.94 -0.86
N LYS B 206 29.51 23.83 -0.12
CA LYS B 206 30.57 22.87 -0.38
C LYS B 206 30.27 22.01 -1.62
N HIS B 207 29.01 21.69 -1.87
CA HIS B 207 28.67 20.68 -2.87
C HIS B 207 27.93 21.21 -4.09
N SER B 208 27.22 22.33 -3.97
CA SER B 208 26.31 22.77 -5.03
C SER B 208 26.57 24.22 -5.44
N GLN B 209 27.83 24.65 -5.36
CA GLN B 209 28.15 26.06 -5.50
C GLN B 209 28.06 26.57 -6.93
N PHE B 210 27.97 25.68 -7.92
CA PHE B 210 27.92 26.09 -9.31
C PHE B 210 26.68 25.55 -10.02
N ILE B 211 25.62 25.27 -9.25
CA ILE B 211 24.30 25.04 -9.80
C ILE B 211 23.82 26.32 -10.49
N GLY B 212 23.23 26.16 -11.68
CA GLY B 212 22.88 27.34 -12.47
C GLY B 212 21.53 27.96 -12.17
N TYR B 213 20.98 27.76 -10.97
CA TYR B 213 19.69 28.31 -10.58
C TYR B 213 19.80 28.85 -9.17
N PRO B 214 18.99 29.85 -8.81
CA PRO B 214 19.05 30.36 -7.44
C PRO B 214 18.51 29.35 -6.44
N ILE B 215 19.22 29.21 -5.32
CA ILE B 215 18.80 28.36 -4.22
C ILE B 215 18.56 29.24 -3.02
N THR B 216 17.32 29.29 -2.55
CA THR B 216 16.93 30.15 -1.43
C THR B 216 16.67 29.31 -0.20
N LEU B 217 17.31 29.69 0.90
CA LEU B 217 17.06 29.06 2.20
C LEU B 217 16.02 29.85 2.98
N TYR B 218 15.02 29.15 3.51
CA TYR B 218 14.00 29.77 4.35
C TYR B 218 14.22 29.36 5.80
N LEU B 219 13.93 30.29 6.72
CA LEU B 219 13.98 30.02 8.15
C LEU B 219 15.37 29.50 8.53
N HIS C 2 42.22 -2.57 -38.17
CA HIS C 2 42.17 -2.37 -36.72
C HIS C 2 40.96 -3.08 -36.12
N MET C 3 41.02 -3.39 -34.81
CA MET C 3 39.95 -4.09 -34.09
C MET C 3 39.44 -3.26 -32.90
N PRO C 4 38.76 -2.12 -33.15
CA PRO C 4 38.19 -1.36 -32.03
C PRO C 4 37.16 -2.19 -31.27
N GLU C 5 36.94 -1.80 -30.02
CA GLU C 5 36.01 -2.50 -29.15
C GLU C 5 35.05 -1.48 -28.58
N GLU C 6 33.76 -1.66 -28.81
CA GLU C 6 32.81 -0.70 -28.26
C GLU C 6 32.57 -1.06 -26.81
N VAL C 7 33.30 -0.37 -25.93
CA VAL C 7 33.27 -0.59 -24.50
C VAL C 7 31.87 -0.41 -23.92
N HIS C 8 31.07 0.45 -24.53
CA HIS C 8 29.89 0.98 -23.85
C HIS C 8 28.92 1.42 -24.92
N HIS C 9 27.79 0.73 -25.04
CA HIS C 9 26.71 1.23 -25.85
C HIS C 9 26.05 2.41 -25.14
N GLY C 10 25.44 3.29 -25.92
CA GLY C 10 24.77 4.46 -25.39
C GLY C 10 23.93 4.20 -24.15
N GLU C 11 23.03 3.23 -24.23
CA GLU C 11 22.12 2.93 -23.12
C GLU C 11 21.70 1.46 -23.25
N GLU C 12 20.94 0.99 -22.26
CA GLU C 12 20.58 -0.42 -22.19
C GLU C 12 19.47 -0.72 -23.18
N GLU C 13 19.76 -1.61 -24.14
CA GLU C 13 18.79 -1.92 -25.19
C GLU C 13 17.58 -2.66 -24.62
N VAL C 14 17.82 -3.72 -23.84
CA VAL C 14 16.77 -4.57 -23.30
C VAL C 14 16.78 -4.41 -21.78
N GLU C 15 15.60 -4.19 -21.21
CA GLU C 15 15.46 -4.06 -19.76
C GLU C 15 14.50 -5.12 -19.24
N THR C 16 14.86 -5.76 -18.13
CA THR C 16 14.03 -6.77 -17.48
C THR C 16 13.52 -6.24 -16.13
N PHE C 17 12.24 -6.48 -15.85
CA PHE C 17 11.64 -6.04 -14.61
C PHE C 17 10.78 -7.16 -14.05
N ALA C 18 10.60 -7.15 -12.73
CA ALA C 18 9.66 -8.05 -12.08
C ALA C 18 8.26 -7.44 -12.08
N PHE C 19 7.23 -8.28 -12.30
CA PHE C 19 5.86 -7.88 -12.01
C PHE C 19 5.68 -7.61 -10.53
N GLN C 20 4.73 -6.72 -10.19
CA GLN C 20 4.20 -6.76 -8.83
C GLN C 20 3.75 -8.19 -8.51
N ALA C 21 3.92 -8.58 -7.24
CA ALA C 21 3.65 -9.96 -6.83
C ALA C 21 2.21 -10.36 -7.13
N GLU C 22 1.25 -9.44 -6.96
CA GLU C 22 -0.15 -9.75 -7.23
C GLU C 22 -0.35 -10.15 -8.68
N ILE C 23 0.34 -9.46 -9.59
CA ILE C 23 0.21 -9.77 -11.03
C ILE C 23 0.89 -11.09 -11.33
N ALA C 24 2.09 -11.31 -10.76
CA ALA C 24 2.78 -12.57 -11.01
C ALA C 24 1.96 -13.76 -10.52
N GLN C 25 1.32 -13.62 -9.36
CA GLN C 25 0.54 -14.73 -8.83
C GLN C 25 -0.69 -15.01 -9.68
N LEU C 26 -1.36 -13.95 -10.17
CA LEU C 26 -2.47 -14.18 -11.10
C LEU C 26 -1.98 -14.85 -12.38
N MET C 27 -0.85 -14.40 -12.94
CA MET C 27 -0.34 -15.00 -14.17
C MET C 27 -0.04 -16.50 -13.99
N SER C 28 0.52 -16.87 -12.83
CA SER C 28 0.80 -18.27 -12.57
C SER C 28 -0.49 -19.07 -12.45
N LEU C 29 -1.48 -18.51 -11.77
CA LEU C 29 -2.80 -19.15 -11.70
C LEU C 29 -3.35 -19.37 -13.11
N ILE C 30 -3.29 -18.34 -13.96
CA ILE C 30 -3.93 -18.41 -15.28
C ILE C 30 -3.18 -19.36 -16.21
N ILE C 31 -1.85 -19.30 -16.21
CA ILE C 31 -1.12 -20.11 -17.17
C ILE C 31 -1.22 -21.59 -16.83
N ASN C 32 -1.52 -21.93 -15.57
CA ASN C 32 -1.55 -23.34 -15.18
C ASN C 32 -2.95 -23.87 -14.94
N THR C 33 -4.00 -23.04 -15.03
CA THR C 33 -5.31 -23.54 -14.61
C THR C 33 -5.89 -24.52 -15.63
N PHE C 34 -6.64 -25.49 -15.13
CA PHE C 34 -7.40 -26.39 -15.99
C PHE C 34 -8.81 -25.85 -16.33
N TYR C 35 -9.07 -24.57 -16.09
CA TYR C 35 -10.30 -23.91 -16.53
C TYR C 35 -10.67 -24.31 -17.95
N SER C 36 -11.87 -24.82 -18.13
CA SER C 36 -12.22 -25.49 -19.39
C SER C 36 -12.86 -24.57 -20.42
N ASN C 37 -12.94 -23.27 -20.18
CA ASN C 37 -13.55 -22.37 -21.16
C ASN C 37 -12.52 -21.33 -21.59
N LYS C 38 -11.36 -21.80 -22.07
CA LYS C 38 -10.22 -20.95 -22.35
C LYS C 38 -10.47 -19.98 -23.52
N GLU C 39 -11.47 -20.24 -24.35
CA GLU C 39 -11.73 -19.39 -25.50
C GLU C 39 -12.02 -17.95 -25.13
N ILE C 40 -12.39 -17.67 -23.87
CA ILE C 40 -12.69 -16.30 -23.48
C ILE C 40 -11.50 -15.37 -23.60
N PHE C 41 -10.28 -15.90 -23.78
CA PHE C 41 -9.10 -15.04 -23.99
C PHE C 41 -9.30 -14.10 -25.17
N LEU C 42 -9.92 -14.58 -26.24
CA LEU C 42 -10.03 -13.75 -27.45
C LEU C 42 -10.99 -12.58 -27.24
N ARG C 43 -12.10 -12.82 -26.54
CA ARG C 43 -12.99 -11.73 -26.19
C ARG C 43 -12.27 -10.65 -25.39
N GLU C 44 -11.42 -11.06 -24.44
CA GLU C 44 -10.74 -10.09 -23.59
C GLU C 44 -9.73 -9.25 -24.38
N LEU C 45 -8.99 -9.88 -25.31
CA LEU C 45 -8.04 -9.14 -26.13
C LEU C 45 -8.75 -8.20 -27.10
N ILE C 46 -9.79 -8.72 -27.76
CA ILE C 46 -10.55 -7.90 -28.71
C ILE C 46 -11.19 -6.71 -27.99
N SER C 47 -11.62 -6.92 -26.75
CA SER C 47 -12.22 -5.85 -25.96
C SER C 47 -11.20 -4.75 -25.67
N ASN C 48 -9.98 -5.13 -25.28
CA ASN C 48 -8.93 -4.12 -25.10
C ASN C 48 -8.65 -3.35 -26.37
N ALA C 49 -8.60 -4.05 -27.51
CA ALA C 49 -8.39 -3.37 -28.79
C ALA C 49 -9.52 -2.41 -29.08
N SER C 50 -10.76 -2.86 -28.88
CA SER C 50 -11.91 -1.97 -29.07
C SER C 50 -11.78 -0.72 -28.24
N ASP C 51 -11.37 -0.86 -26.97
CA ASP C 51 -11.19 0.30 -26.11
C ASP C 51 -10.10 1.23 -26.63
N ALA C 52 -8.99 0.67 -27.13
CA ALA C 52 -7.94 1.50 -27.70
C ALA C 52 -8.41 2.19 -28.98
N LEU C 53 -9.26 1.53 -29.76
CA LEU C 53 -9.77 2.12 -30.98
C LEU C 53 -10.79 3.23 -30.68
N ASP C 54 -11.62 3.03 -29.66
CA ASP C 54 -12.51 4.13 -29.26
C ASP C 54 -11.71 5.35 -28.87
N LYS C 55 -10.54 5.15 -28.27
CA LYS C 55 -9.76 6.23 -27.71
C LYS C 55 -9.15 7.10 -28.80
N ILE C 56 -8.50 6.48 -29.79
CA ILE C 56 -7.98 7.26 -30.91
C ILE C 56 -9.13 7.79 -31.76
N ARG C 57 -10.24 7.05 -31.88
CA ARG C 57 -11.40 7.56 -32.62
C ARG C 57 -11.91 8.85 -32.00
N TYR C 58 -11.90 8.93 -30.67
CA TYR C 58 -12.31 10.15 -30.00
C TYR C 58 -11.34 11.29 -30.27
N GLU C 59 -10.06 11.09 -29.97
CA GLU C 59 -9.09 12.17 -30.07
C GLU C 59 -8.94 12.69 -31.49
N SER C 60 -9.25 11.86 -32.48
CA SER C 60 -9.21 12.32 -33.86
C SER C 60 -10.39 13.24 -34.19
N LEU C 61 -11.44 13.27 -33.35
CA LEU C 61 -12.55 14.19 -33.59
C LEU C 61 -12.10 15.63 -33.43
N THR C 62 -11.41 15.95 -32.33
CA THR C 62 -10.94 17.30 -32.09
C THR C 62 -9.54 17.58 -32.63
N ASP C 63 -8.86 16.56 -33.18
CA ASP C 63 -7.58 16.76 -33.86
C ASP C 63 -7.43 15.65 -34.89
N PRO C 64 -7.80 15.92 -36.15
CA PRO C 64 -7.70 14.89 -37.20
C PRO C 64 -6.28 14.48 -37.56
N SER C 65 -5.26 15.27 -37.20
CA SER C 65 -3.89 14.86 -37.50
C SER C 65 -3.43 13.67 -36.67
N LYS C 66 -4.16 13.32 -35.60
CA LYS C 66 -3.84 12.12 -34.84
C LYS C 66 -3.95 10.87 -35.71
N LEU C 67 -4.75 10.93 -36.77
CA LEU C 67 -4.91 9.82 -37.71
C LEU C 67 -3.91 9.86 -38.85
N ASP C 68 -2.92 10.77 -38.80
CA ASP C 68 -1.87 10.78 -39.82
C ASP C 68 -1.09 9.48 -39.85
N SER C 69 -1.05 8.77 -38.73
CA SER C 69 -0.34 7.49 -38.64
C SER C 69 -1.19 6.31 -39.09
N GLY C 70 -2.31 6.56 -39.78
CA GLY C 70 -3.21 5.51 -40.21
C GLY C 70 -4.66 5.84 -39.94
N LYS C 71 -5.47 5.91 -41.00
CA LYS C 71 -6.86 6.33 -40.86
C LYS C 71 -7.80 5.19 -40.46
N GLU C 72 -7.52 3.95 -40.87
CA GLU C 72 -8.45 2.87 -40.66
C GLU C 72 -8.40 2.38 -39.22
N LEU C 73 -9.57 2.12 -38.66
CA LEU C 73 -9.73 1.62 -37.30
C LEU C 73 -10.26 0.19 -37.40
N LYS C 74 -9.40 -0.78 -37.09
CA LYS C 74 -9.67 -2.16 -37.44
C LYS C 74 -8.89 -3.08 -36.50
N ILE C 75 -9.34 -4.34 -36.46
CA ILE C 75 -8.66 -5.41 -35.75
C ILE C 75 -8.40 -6.53 -36.74
N ASP C 76 -7.16 -7.04 -36.78
CA ASP C 76 -6.78 -8.16 -37.62
C ASP C 76 -6.34 -9.32 -36.73
N ILE C 77 -6.76 -10.53 -37.10
CA ILE C 77 -6.38 -11.74 -36.39
C ILE C 77 -5.64 -12.65 -37.35
N ILE C 78 -4.42 -13.04 -36.99
CA ILE C 78 -3.52 -13.76 -37.88
C ILE C 78 -2.98 -15.02 -37.21
N PRO C 79 -3.60 -16.18 -37.41
CA PRO C 79 -2.99 -17.42 -36.94
C PRO C 79 -1.84 -17.82 -37.85
N ASN C 80 -0.80 -18.40 -37.24
CA ASN C 80 0.39 -18.84 -37.98
C ASN C 80 0.74 -20.25 -37.50
N PRO C 81 0.26 -21.28 -38.22
CA PRO C 81 0.52 -22.66 -37.77
C PRO C 81 2.00 -23.03 -37.70
N GLN C 82 2.85 -22.50 -38.59
CA GLN C 82 4.25 -22.92 -38.57
C GLN C 82 5.04 -22.25 -37.46
N GLU C 83 4.64 -21.07 -37.02
CA GLU C 83 5.26 -20.49 -35.83
C GLU C 83 4.49 -20.80 -34.57
N ARG C 84 3.31 -21.40 -34.69
CA ARG C 84 2.41 -21.66 -33.55
C ARG C 84 2.07 -20.38 -32.81
N THR C 85 1.80 -19.31 -33.55
CA THR C 85 1.40 -18.04 -32.97
C THR C 85 0.02 -17.65 -33.46
N LEU C 86 -0.70 -16.93 -32.60
CA LEU C 86 -1.91 -16.23 -32.97
C LEU C 86 -1.67 -14.76 -32.63
N THR C 87 -1.81 -13.90 -33.63
CA THR C 87 -1.54 -12.47 -33.49
C THR C 87 -2.83 -11.69 -33.64
N LEU C 88 -3.03 -10.72 -32.74
CA LEU C 88 -4.09 -9.72 -32.84
C LEU C 88 -3.42 -8.36 -33.01
N VAL C 89 -3.74 -7.66 -34.08
CA VAL C 89 -3.20 -6.33 -34.31
C VAL C 89 -4.36 -5.38 -34.48
N ASP C 90 -4.34 -4.29 -33.71
CA ASP C 90 -5.33 -3.24 -33.89
C ASP C 90 -4.62 -1.93 -34.22
N THR C 91 -5.37 -1.02 -34.84
CA THR C 91 -4.86 0.32 -35.11
C THR C 91 -5.40 1.31 -34.10
N GLY C 92 -5.43 0.92 -32.82
CA GLY C 92 -5.89 1.79 -31.76
C GLY C 92 -4.88 2.86 -31.39
N ILE C 93 -5.02 3.43 -30.18
CA ILE C 93 -4.18 4.56 -29.80
C ILE C 93 -2.77 4.14 -29.43
N GLY C 94 -2.54 2.86 -29.10
CA GLY C 94 -1.22 2.40 -28.70
C GLY C 94 -0.84 2.89 -27.31
N MET C 95 0.38 2.53 -26.90
CA MET C 95 0.91 2.83 -25.58
C MET C 95 2.32 3.40 -25.69
N THR C 96 2.58 4.47 -24.95
CA THR C 96 3.96 4.94 -24.78
C THR C 96 4.73 3.90 -23.96
N LYS C 97 6.07 4.05 -23.96
CA LYS C 97 6.91 3.14 -23.18
C LYS C 97 6.54 3.17 -21.71
N ALA C 98 6.32 4.38 -21.16
CA ALA C 98 6.02 4.49 -19.73
C ALA C 98 4.69 3.82 -19.38
N ASP C 99 3.68 3.98 -20.24
CA ASP C 99 2.40 3.32 -20.01
C ASP C 99 2.49 1.82 -20.27
N LEU C 100 3.33 1.41 -21.21
CA LEU C 100 3.55 -0.01 -21.45
C LEU C 100 4.08 -0.70 -20.19
N ILE C 101 5.17 -0.17 -19.63
CA ILE C 101 5.77 -0.75 -18.42
C ILE C 101 4.78 -0.68 -17.26
N ASN C 102 4.19 0.49 -17.06
CA ASN C 102 3.32 0.72 -15.90
C ASN C 102 2.03 -0.10 -15.99
N ASN C 103 1.35 -0.08 -17.14
CA ASN C 103 0.05 -0.75 -17.21
C ASN C 103 0.19 -2.25 -17.09
N LEU C 104 1.20 -2.85 -17.74
CA LEU C 104 1.32 -4.29 -17.74
C LEU C 104 2.11 -4.84 -16.55
N GLY C 105 3.05 -4.05 -16.02
CA GLY C 105 3.92 -4.52 -14.97
C GLY C 105 3.50 -4.11 -13.56
N THR C 106 2.67 -3.07 -13.42
CA THR C 106 2.54 -2.44 -12.12
C THR C 106 1.11 -2.10 -11.72
N ILE C 107 0.43 -1.22 -12.48
CA ILE C 107 -0.85 -0.71 -11.94
C ILE C 107 -1.97 -1.72 -12.08
N ALA C 108 -1.78 -2.80 -12.84
CA ALA C 108 -2.75 -3.89 -12.80
C ALA C 108 -2.82 -4.58 -11.42
N LYS C 109 -1.96 -4.20 -10.49
CA LYS C 109 -1.90 -4.87 -9.19
C LYS C 109 -3.26 -4.89 -8.49
N SER C 110 -3.97 -3.76 -8.48
CA SER C 110 -5.22 -3.72 -7.75
C SER C 110 -6.26 -4.64 -8.37
N GLY C 111 -6.38 -4.65 -9.69
CA GLY C 111 -7.37 -5.50 -10.33
C GLY C 111 -7.05 -6.98 -10.19
N THR C 112 -5.77 -7.36 -10.36
CA THR C 112 -5.39 -8.76 -10.22
C THR C 112 -5.63 -9.24 -8.79
N LYS C 113 -5.33 -8.39 -7.81
CA LYS C 113 -5.55 -8.77 -6.41
C LYS C 113 -7.04 -8.94 -6.11
N ALA C 114 -7.86 -7.98 -6.55
CA ALA C 114 -9.30 -8.11 -6.32
C ALA C 114 -9.86 -9.32 -7.05
N PHE C 115 -9.36 -9.59 -8.26
CA PHE C 115 -9.82 -10.76 -9.01
C PHE C 115 -9.54 -12.07 -8.26
N MET C 116 -8.32 -12.23 -7.73
CA MET C 116 -7.99 -13.46 -7.02
C MET C 116 -8.82 -13.62 -5.74
N GLU C 117 -9.05 -12.51 -5.02
CA GLU C 117 -9.98 -12.56 -3.89
C GLU C 117 -11.36 -12.98 -4.33
N ALA C 118 -11.85 -12.44 -5.44
CA ALA C 118 -13.15 -12.83 -5.96
C ALA C 118 -13.16 -14.31 -6.35
N LEU C 119 -12.11 -14.79 -7.02
CA LEU C 119 -12.05 -16.21 -7.37
C LEU C 119 -12.10 -17.10 -6.14
N GLN C 120 -11.36 -16.71 -5.09
CA GLN C 120 -11.35 -17.54 -3.88
C GLN C 120 -12.73 -17.58 -3.23
N ALA C 121 -13.53 -16.52 -3.40
CA ALA C 121 -14.90 -16.49 -2.91
C ALA C 121 -15.90 -17.07 -3.89
N GLY C 122 -15.44 -17.71 -4.98
CA GLY C 122 -16.32 -18.48 -5.83
C GLY C 122 -16.61 -17.90 -7.20
N ALA C 123 -16.03 -16.75 -7.54
CA ALA C 123 -16.19 -16.17 -8.86
C ALA C 123 -15.55 -17.09 -9.92
N ASP C 124 -15.73 -16.70 -11.18
CA ASP C 124 -15.37 -17.49 -12.34
C ASP C 124 -14.31 -16.73 -13.15
N ILE C 125 -13.38 -17.47 -13.76
CA ILE C 125 -12.32 -16.86 -14.54
C ILE C 125 -12.86 -16.02 -15.70
N SER C 126 -14.04 -16.39 -16.22
CA SER C 126 -14.63 -15.57 -17.27
C SER C 126 -14.96 -14.16 -16.79
N MET C 127 -14.95 -13.90 -15.48
CA MET C 127 -15.23 -12.55 -15.00
C MET C 127 -13.99 -11.65 -15.00
N ILE C 128 -12.87 -12.11 -15.56
CA ILE C 128 -11.60 -11.39 -15.43
C ILE C 128 -11.70 -9.95 -15.93
N GLY C 129 -12.49 -9.71 -16.98
CA GLY C 129 -12.61 -8.36 -17.52
C GLY C 129 -13.33 -7.38 -16.60
N GLN C 130 -14.18 -7.87 -15.71
CA GLN C 130 -14.83 -6.99 -14.73
C GLN C 130 -13.83 -6.45 -13.71
N PHE C 131 -12.57 -6.87 -13.76
CA PHE C 131 -11.53 -6.37 -12.86
C PHE C 131 -10.45 -5.62 -13.63
N GLY C 132 -10.69 -5.35 -14.92
CA GLY C 132 -9.79 -4.53 -15.70
C GLY C 132 -8.48 -5.18 -16.07
N VAL C 133 -8.37 -6.51 -15.92
CA VAL C 133 -7.11 -7.20 -16.18
C VAL C 133 -7.29 -8.38 -17.13
N GLY C 134 -8.25 -8.26 -18.06
CA GLY C 134 -8.50 -9.36 -18.99
C GLY C 134 -7.32 -9.71 -19.88
N PHE C 135 -6.38 -8.80 -20.07
CA PHE C 135 -5.21 -9.10 -20.90
C PHE C 135 -4.51 -10.37 -20.47
N TYR C 136 -4.39 -10.60 -19.16
CA TYR C 136 -3.61 -11.75 -18.69
C TYR C 136 -4.32 -13.06 -18.97
N SER C 137 -5.59 -13.05 -19.38
CA SER C 137 -6.19 -14.31 -19.82
C SER C 137 -5.54 -14.85 -21.09
N ALA C 138 -4.66 -14.05 -21.73
CA ALA C 138 -3.88 -14.58 -22.86
C ALA C 138 -3.13 -15.85 -22.47
N TYR C 139 -2.69 -15.95 -21.21
CA TYR C 139 -1.94 -17.12 -20.74
C TYR C 139 -2.79 -18.36 -20.54
N LEU C 140 -4.12 -18.26 -20.70
CA LEU C 140 -4.93 -19.47 -20.83
C LEU C 140 -4.46 -20.32 -22.03
N VAL C 141 -4.11 -19.68 -23.14
CA VAL C 141 -3.70 -20.41 -24.34
C VAL C 141 -2.24 -20.22 -24.70
N ALA C 142 -1.54 -19.23 -24.15
CA ALA C 142 -0.20 -18.86 -24.58
C ALA C 142 0.83 -19.22 -23.51
N GLU C 143 1.98 -19.75 -23.96
CA GLU C 143 3.11 -19.94 -23.07
C GLU C 143 3.99 -18.71 -22.98
N LYS C 144 3.87 -17.80 -23.95
CA LYS C 144 4.66 -16.58 -24.03
C LYS C 144 3.85 -15.57 -24.82
N VAL C 145 3.83 -14.33 -24.34
CA VAL C 145 3.08 -13.25 -24.99
C VAL C 145 4.04 -12.11 -25.29
N VAL C 146 4.02 -11.63 -26.53
CA VAL C 146 4.77 -10.47 -26.97
C VAL C 146 3.78 -9.37 -27.29
N VAL C 147 4.04 -8.16 -26.84
CA VAL C 147 3.20 -7.01 -27.11
C VAL C 147 4.05 -5.94 -27.79
N ILE C 148 3.72 -5.62 -29.04
CA ILE C 148 4.37 -4.55 -29.80
C ILE C 148 3.42 -3.36 -29.83
N THR C 149 3.92 -2.16 -29.55
CA THR C 149 2.99 -1.05 -29.48
C THR C 149 3.64 0.24 -29.98
N LYS C 150 2.82 1.11 -30.55
CA LYS C 150 3.29 2.37 -31.13
C LYS C 150 2.23 3.44 -30.87
N HIS C 151 2.59 4.43 -30.07
CA HIS C 151 1.74 5.57 -29.75
C HIS C 151 2.27 6.78 -30.51
N ASN C 152 1.36 7.68 -30.91
CA ASN C 152 1.77 8.86 -31.66
C ASN C 152 2.91 9.62 -30.99
N ASP C 153 2.92 9.67 -29.66
CA ASP C 153 3.86 10.50 -28.93
C ASP C 153 5.14 9.77 -28.53
N ASP C 154 5.41 8.58 -29.07
CA ASP C 154 6.57 7.81 -28.66
C ASP C 154 7.02 6.92 -29.82
N GLU C 155 8.08 6.16 -29.59
CA GLU C 155 8.61 5.17 -30.52
C GLU C 155 7.97 3.80 -30.30
N GLN C 156 8.27 2.88 -31.20
CA GLN C 156 7.72 1.53 -31.12
C GLN C 156 8.50 0.73 -30.09
N TYR C 157 7.80 0.03 -29.20
CA TYR C 157 8.44 -0.79 -28.17
C TYR C 157 7.86 -2.20 -28.19
N ALA C 158 8.66 -3.15 -27.70
CA ALA C 158 8.25 -4.55 -27.58
C ALA C 158 8.35 -4.99 -26.12
N TRP C 159 7.27 -5.58 -25.62
CA TRP C 159 7.19 -6.15 -24.29
C TRP C 159 7.03 -7.65 -24.43
N GLU C 160 7.64 -8.43 -23.53
CA GLU C 160 7.41 -9.87 -23.60
C GLU C 160 7.49 -10.47 -22.22
N SER C 161 6.72 -11.54 -22.00
CA SER C 161 6.82 -12.32 -20.77
C SER C 161 6.34 -13.75 -21.01
N SER C 162 7.06 -14.69 -20.42
CA SER C 162 6.65 -16.09 -20.33
C SER C 162 6.10 -16.43 -18.96
N ALA C 163 5.63 -15.42 -18.21
CA ALA C 163 4.98 -15.64 -16.91
C ALA C 163 5.91 -16.26 -15.87
N GLY C 164 7.21 -16.02 -15.97
CA GLY C 164 8.10 -16.50 -14.93
C GLY C 164 8.38 -15.49 -13.82
N GLY C 165 7.51 -14.51 -13.66
CA GLY C 165 7.69 -13.46 -12.66
C GLY C 165 8.26 -12.16 -13.20
N SER C 166 8.78 -12.18 -14.43
CA SER C 166 9.43 -11.03 -15.03
C SER C 166 8.94 -10.80 -16.45
N PHE C 167 9.18 -9.57 -16.93
CA PHE C 167 8.92 -9.19 -18.31
C PHE C 167 10.13 -8.39 -18.80
N THR C 168 10.29 -8.29 -20.13
CA THR C 168 11.31 -7.44 -20.70
C THR C 168 10.68 -6.41 -21.62
N VAL C 169 11.33 -5.26 -21.74
CA VAL C 169 10.89 -4.21 -22.64
C VAL C 169 12.12 -3.76 -23.43
N ARG C 170 11.93 -3.49 -24.72
CA ARG C 170 13.02 -3.04 -25.56
C ARG C 170 12.43 -2.21 -26.69
N ALA C 171 13.23 -1.27 -27.19
CA ALA C 171 12.88 -0.58 -28.42
C ALA C 171 12.74 -1.60 -29.55
N ASP C 172 11.69 -1.46 -30.35
CA ASP C 172 11.43 -2.37 -31.46
C ASP C 172 11.76 -1.66 -32.76
N HIS C 173 12.88 -2.03 -33.37
CA HIS C 173 13.28 -1.48 -34.65
C HIS C 173 12.79 -2.34 -35.81
N GLY C 174 12.02 -3.38 -35.52
CA GLY C 174 11.38 -4.18 -36.54
C GLY C 174 10.30 -3.42 -37.29
N GLU C 175 9.48 -4.19 -38.00
CA GLU C 175 8.45 -3.68 -38.90
C GLU C 175 7.59 -2.62 -38.21
N PRO C 176 7.57 -1.39 -38.70
CA PRO C 176 6.73 -0.35 -38.07
C PRO C 176 5.24 -0.70 -38.21
N ILE C 177 4.52 -0.63 -37.08
CA ILE C 177 3.08 -0.85 -37.12
C ILE C 177 2.31 0.46 -37.33
N GLY C 178 3.01 1.60 -37.33
CA GLY C 178 2.39 2.88 -37.63
C GLY C 178 1.72 3.49 -36.42
N ARG C 179 0.70 2.81 -35.91
CA ARG C 179 0.04 3.17 -34.66
C ARG C 179 -0.81 2.00 -34.23
N GLY C 180 -0.74 1.68 -32.94
CA GLY C 180 -1.61 0.67 -32.39
C GLY C 180 -0.86 -0.32 -31.52
N THR C 181 -1.41 -1.51 -31.40
CA THR C 181 -0.82 -2.55 -30.59
C THR C 181 -1.00 -3.88 -31.30
N LYS C 182 0.04 -4.69 -31.24
CA LYS C 182 0.08 -6.03 -31.78
C LYS C 182 0.38 -6.99 -30.64
N VAL C 183 -0.52 -7.93 -30.39
CA VAL C 183 -0.31 -8.94 -29.36
C VAL C 183 -0.02 -10.26 -30.07
N ILE C 184 1.13 -10.86 -29.76
CA ILE C 184 1.53 -12.12 -30.37
C ILE C 184 1.48 -13.19 -29.30
N LEU C 185 0.57 -14.15 -29.46
CA LEU C 185 0.46 -15.28 -28.53
C LEU C 185 1.25 -16.45 -29.09
N HIS C 186 2.25 -16.90 -28.34
CA HIS C 186 2.93 -18.15 -28.62
C HIS C 186 2.15 -19.26 -27.91
N LEU C 187 1.45 -20.09 -28.69
CA LEU C 187 0.43 -20.96 -28.12
C LEU C 187 1.04 -22.18 -27.47
N LYS C 188 0.43 -22.59 -26.35
CA LYS C 188 0.75 -23.89 -25.78
C LYS C 188 0.46 -25.00 -26.77
N GLU C 189 1.19 -26.10 -26.66
CA GLU C 189 1.00 -27.20 -27.61
C GLU C 189 -0.38 -27.83 -27.50
N ASP C 190 -1.02 -27.75 -26.34
CA ASP C 190 -2.38 -28.27 -26.19
C ASP C 190 -3.46 -27.28 -26.68
N GLN C 191 -3.09 -26.08 -27.11
CA GLN C 191 -4.07 -25.05 -27.48
C GLN C 191 -3.97 -24.66 -28.94
N THR C 192 -3.51 -25.56 -29.80
CA THR C 192 -3.31 -25.17 -31.18
C THR C 192 -4.60 -25.14 -31.98
N GLU C 193 -5.74 -25.51 -31.38
CA GLU C 193 -7.03 -25.36 -32.07
C GLU C 193 -7.32 -23.91 -32.45
N TYR C 194 -6.76 -22.95 -31.71
CA TYR C 194 -6.98 -21.54 -32.00
C TYR C 194 -6.10 -21.04 -33.14
N LEU C 195 -5.33 -21.93 -33.77
CA LEU C 195 -4.71 -21.67 -35.06
C LEU C 195 -5.62 -22.08 -36.21
N GLU C 196 -6.78 -22.66 -35.92
CA GLU C 196 -7.69 -23.17 -36.95
C GLU C 196 -8.63 -22.05 -37.39
N GLU C 197 -8.69 -21.85 -38.71
CA GLU C 197 -9.60 -20.87 -39.28
C GLU C 197 -11.01 -21.03 -38.72
N ARG C 198 -11.51 -22.26 -38.73
CA ARG C 198 -12.87 -22.55 -38.30
C ARG C 198 -13.07 -22.21 -36.82
N ARG C 199 -12.10 -22.56 -35.97
CA ARG C 199 -12.28 -22.35 -34.54
C ARG C 199 -12.29 -20.85 -34.20
N VAL C 200 -11.40 -20.07 -34.80
CA VAL C 200 -11.32 -18.66 -34.44
C VAL C 200 -12.63 -17.96 -34.78
N LYS C 201 -13.23 -18.27 -35.93
CA LYS C 201 -14.48 -17.64 -36.30
C LYS C 201 -15.61 -18.02 -35.34
N GLU C 202 -15.64 -19.28 -34.86
CA GLU C 202 -16.60 -19.68 -33.83
C GLU C 202 -16.52 -18.76 -32.62
N VAL C 203 -15.31 -18.47 -32.17
CA VAL C 203 -15.13 -17.74 -30.91
C VAL C 203 -15.51 -16.27 -31.08
N VAL C 204 -15.09 -15.66 -32.19
CA VAL C 204 -15.52 -14.29 -32.50
C VAL C 204 -17.05 -14.18 -32.53
N LYS C 205 -17.71 -15.09 -33.24
CA LYS C 205 -19.16 -15.00 -33.38
C LYS C 205 -19.86 -15.21 -32.04
N LYS C 206 -19.34 -16.13 -31.21
CA LYS C 206 -19.98 -16.38 -29.92
C LYS C 206 -19.81 -15.18 -28.96
N HIS C 207 -18.63 -14.57 -28.93
CA HIS C 207 -18.26 -13.66 -27.85
C HIS C 207 -18.05 -12.21 -28.24
N SER C 208 -17.91 -11.91 -29.53
CA SER C 208 -17.49 -10.59 -29.97
C SER C 208 -18.35 -10.12 -31.12
N GLN C 209 -19.61 -10.55 -31.14
CA GLN C 209 -20.49 -10.31 -32.27
C GLN C 209 -20.98 -8.87 -32.35
N PHE C 210 -20.82 -8.08 -31.29
CA PHE C 210 -21.28 -6.69 -31.35
C PHE C 210 -20.16 -5.70 -31.04
N ILE C 211 -18.93 -6.05 -31.41
CA ILE C 211 -17.83 -5.09 -31.44
C ILE C 211 -18.04 -4.13 -32.60
N GLY C 212 -17.80 -2.84 -32.36
CA GLY C 212 -18.06 -1.84 -33.38
C GLY C 212 -16.92 -1.56 -34.35
N TYR C 213 -16.06 -2.54 -34.60
CA TYR C 213 -14.95 -2.38 -35.53
C TYR C 213 -14.81 -3.63 -36.39
N PRO C 214 -14.32 -3.49 -37.63
CA PRO C 214 -14.13 -4.66 -38.48
C PRO C 214 -13.03 -5.57 -37.93
N ILE C 215 -13.29 -6.87 -37.97
CA ILE C 215 -12.31 -7.87 -37.56
C ILE C 215 -12.04 -8.79 -38.74
N THR C 216 -10.80 -8.81 -39.22
CA THR C 216 -10.43 -9.58 -40.39
C THR C 216 -9.51 -10.72 -39.97
N LEU C 217 -9.83 -11.92 -40.41
CA LEU C 217 -9.00 -13.08 -40.17
C LEU C 217 -8.07 -13.30 -41.37
N TYR C 218 -6.78 -13.40 -41.10
CA TYR C 218 -5.77 -13.66 -42.12
C TYR C 218 -5.34 -15.12 -42.02
N LEU C 219 -5.59 -15.89 -43.06
CA LEU C 219 -5.53 -17.33 -42.98
C LEU C 219 -4.18 -17.92 -43.41
N GLU D 11 11.62 -20.07 41.10
CA GLU D 11 11.20 -20.37 39.73
C GLU D 11 10.70 -19.12 39.00
N GLU D 12 11.12 -18.94 37.75
CA GLU D 12 10.56 -17.91 36.89
C GLU D 12 9.37 -18.50 36.12
N GLU D 13 8.23 -17.81 36.19
CA GLU D 13 7.00 -18.39 35.64
C GLU D 13 6.96 -18.29 34.12
N VAL D 14 7.22 -17.10 33.57
CA VAL D 14 7.17 -16.87 32.13
C VAL D 14 8.53 -16.39 31.67
N GLU D 15 9.03 -16.97 30.58
CA GLU D 15 10.27 -16.52 29.98
C GLU D 15 10.01 -16.02 28.58
N THR D 16 10.63 -14.89 28.24
CA THR D 16 10.59 -14.31 26.90
C THR D 16 11.93 -14.53 26.20
N PHE D 17 11.88 -14.87 24.91
CA PHE D 17 13.08 -15.06 24.11
C PHE D 17 12.89 -14.40 22.76
N ALA D 18 14.00 -14.09 22.10
CA ALA D 18 14.01 -13.63 20.72
C ALA D 18 14.15 -14.82 19.78
N PHE D 19 13.40 -14.79 18.69
CA PHE D 19 13.68 -15.67 17.56
C PHE D 19 15.07 -15.40 17.02
N GLN D 20 15.69 -16.44 16.46
CA GLN D 20 16.80 -16.19 15.53
C GLN D 20 16.34 -15.19 14.48
N ALA D 21 17.26 -14.33 14.07
CA ALA D 21 16.90 -13.24 13.16
C ALA D 21 16.28 -13.75 11.88
N GLU D 22 16.78 -14.88 11.34
CA GLU D 22 16.23 -15.42 10.10
C GLU D 22 14.78 -15.86 10.26
N ILE D 23 14.43 -16.43 11.42
CA ILE D 23 13.04 -16.80 11.67
C ILE D 23 12.17 -15.54 11.73
N ALA D 24 12.63 -14.52 12.45
CA ALA D 24 11.89 -13.26 12.53
C ALA D 24 11.74 -12.60 11.16
N GLN D 25 12.77 -12.71 10.30
CA GLN D 25 12.68 -12.15 8.96
C GLN D 25 11.64 -12.87 8.12
N LEU D 26 11.58 -14.21 8.22
CA LEU D 26 10.58 -14.91 7.42
C LEU D 26 9.17 -14.60 7.93
N MET D 27 8.98 -14.55 9.25
CA MET D 27 7.69 -14.18 9.80
C MET D 27 7.25 -12.79 9.34
N SER D 28 8.15 -11.80 9.35
CA SER D 28 7.77 -10.47 8.85
C SER D 28 7.40 -10.54 7.38
N LEU D 29 8.11 -11.36 6.62
CA LEU D 29 7.79 -11.50 5.20
C LEU D 29 6.44 -12.18 5.01
N ILE D 30 6.12 -13.18 5.85
CA ILE D 30 4.83 -13.86 5.76
C ILE D 30 3.69 -12.92 6.14
N ILE D 31 3.94 -12.00 7.06
CA ILE D 31 2.90 -11.05 7.48
C ILE D 31 2.77 -9.85 6.53
N ASN D 32 3.86 -9.37 5.94
CA ASN D 32 3.87 -8.08 5.25
C ASN D 32 3.87 -8.16 3.73
N THR D 33 4.09 -9.31 3.13
CA THR D 33 4.04 -9.37 1.67
C THR D 33 2.77 -10.09 1.23
N PHE D 34 2.36 -9.82 0.00
CA PHE D 34 1.09 -10.33 -0.48
C PHE D 34 1.20 -11.81 -0.84
N TYR D 35 0.18 -12.59 -0.46
CA TYR D 35 0.06 -13.96 -0.95
C TYR D 35 -1.42 -14.31 -0.98
N SER D 36 -1.92 -14.68 -2.16
CA SER D 36 -3.34 -14.88 -2.34
C SER D 36 -3.83 -16.20 -1.75
N ASN D 37 -3.01 -17.23 -1.80
CA ASN D 37 -3.43 -18.62 -1.51
C ASN D 37 -3.18 -18.97 -0.04
N LYS D 38 -3.72 -18.15 0.88
CA LYS D 38 -3.43 -18.29 2.31
C LYS D 38 -3.93 -19.60 2.92
N GLU D 39 -4.88 -20.28 2.28
CA GLU D 39 -5.45 -21.49 2.86
C GLU D 39 -4.41 -22.59 3.08
N ILE D 40 -3.22 -22.48 2.48
CA ILE D 40 -2.22 -23.54 2.65
C ILE D 40 -1.71 -23.64 4.09
N PHE D 41 -1.94 -22.64 4.95
CA PHE D 41 -1.53 -22.75 6.36
C PHE D 41 -2.10 -24.01 7.01
N LEU D 42 -3.34 -24.39 6.65
CA LEU D 42 -3.97 -25.53 7.32
C LEU D 42 -3.32 -26.85 6.92
N ARG D 43 -3.00 -26.99 5.63
CA ARG D 43 -2.24 -28.16 5.19
C ARG D 43 -0.93 -28.28 5.96
N GLU D 44 -0.23 -27.15 6.14
CA GLU D 44 1.07 -27.19 6.80
C GLU D 44 0.94 -27.61 8.28
N LEU D 45 -0.09 -27.13 8.98
CA LEU D 45 -0.27 -27.53 10.37
C LEU D 45 -0.70 -28.98 10.49
N ILE D 46 -1.60 -29.44 9.59
CA ILE D 46 -2.03 -30.83 9.62
C ILE D 46 -0.86 -31.76 9.27
N SER D 47 -0.01 -31.35 8.33
CA SER D 47 1.18 -32.14 8.00
C SER D 47 2.11 -32.28 9.21
N ASN D 48 2.31 -31.20 9.99
CA ASN D 48 3.08 -31.31 11.23
C ASN D 48 2.43 -32.28 12.22
N ALA D 49 1.12 -32.17 12.41
CA ALA D 49 0.41 -33.09 13.29
C ALA D 49 0.55 -34.54 12.82
N SER D 50 0.36 -34.77 11.51
CA SER D 50 0.52 -36.11 10.95
C SER D 50 1.93 -36.65 11.21
N ASP D 51 2.95 -35.78 11.15
CA ASP D 51 4.31 -36.25 11.40
C ASP D 51 4.50 -36.61 12.88
N ALA D 52 3.96 -35.79 13.78
CA ALA D 52 4.00 -36.10 15.20
C ALA D 52 3.21 -37.37 15.52
N LEU D 53 2.06 -37.56 14.88
CA LEU D 53 1.28 -38.77 15.13
C LEU D 53 2.04 -39.99 14.64
N ASP D 54 2.69 -39.90 13.49
CA ASP D 54 3.54 -40.99 13.03
C ASP D 54 4.58 -41.36 14.07
N LYS D 55 5.10 -40.34 14.77
CA LYS D 55 6.22 -40.57 15.68
C LYS D 55 5.77 -41.32 16.94
N ILE D 56 4.64 -40.94 17.53
CA ILE D 56 4.15 -41.69 18.68
C ILE D 56 3.66 -43.06 18.24
N ARG D 57 2.98 -43.13 17.09
CA ARG D 57 2.49 -44.41 16.59
C ARG D 57 3.63 -45.38 16.36
N TYR D 58 4.79 -44.87 15.96
CA TYR D 58 5.91 -45.74 15.68
C TYR D 58 6.57 -46.22 16.98
N GLU D 59 6.96 -45.28 17.85
CA GLU D 59 7.53 -45.67 19.14
C GLU D 59 6.56 -46.51 19.95
N SER D 60 5.27 -46.40 19.62
CA SER D 60 4.23 -47.24 20.20
C SER D 60 4.55 -48.73 20.05
N LEU D 61 5.11 -49.12 18.91
CA LEU D 61 5.23 -50.53 18.58
C LEU D 61 6.32 -51.23 19.39
N THR D 62 7.35 -50.50 19.83
CA THR D 62 8.29 -51.03 20.81
C THR D 62 7.71 -50.98 22.21
N ASP D 63 7.29 -49.80 22.63
CA ASP D 63 6.82 -49.54 23.99
C ASP D 63 5.36 -49.11 23.94
N PRO D 64 4.40 -49.97 24.30
CA PRO D 64 3.00 -49.54 24.28
C PRO D 64 2.59 -48.75 25.52
N SER D 65 3.41 -48.73 26.56
CA SER D 65 3.14 -47.84 27.69
C SER D 65 3.15 -46.39 27.24
N LYS D 66 3.91 -46.07 26.19
CA LYS D 66 3.93 -44.72 25.62
C LYS D 66 2.55 -44.24 25.20
N LEU D 67 1.58 -45.14 25.08
CA LEU D 67 0.22 -44.78 24.70
C LEU D 67 -0.70 -44.63 25.90
N ASP D 68 -0.19 -44.82 27.12
CA ASP D 68 -1.05 -44.73 28.30
C ASP D 68 -1.65 -43.34 28.46
N SER D 69 -1.04 -42.32 27.84
CA SER D 69 -1.52 -40.95 27.91
C SER D 69 -2.57 -40.64 26.85
N GLY D 70 -3.11 -41.65 26.20
CA GLY D 70 -4.02 -41.43 25.10
C GLY D 70 -3.77 -42.42 23.98
N LYS D 71 -4.79 -43.21 23.66
CA LYS D 71 -4.65 -44.30 22.71
C LYS D 71 -5.07 -43.92 21.30
N GLU D 72 -5.93 -42.93 21.12
CA GLU D 72 -6.39 -42.58 19.79
C GLU D 72 -5.42 -41.60 19.14
N LEU D 73 -5.03 -41.91 17.92
CA LEU D 73 -4.20 -41.02 17.13
C LEU D 73 -5.12 -40.25 16.19
N LYS D 74 -5.28 -38.96 16.44
CA LYS D 74 -6.32 -38.21 15.76
C LYS D 74 -5.95 -36.74 15.70
N ILE D 75 -6.68 -36.02 14.85
CA ILE D 75 -6.55 -34.57 14.71
C ILE D 75 -7.96 -33.98 14.83
N ASP D 76 -8.11 -32.96 15.68
CA ASP D 76 -9.38 -32.24 15.82
C ASP D 76 -9.19 -30.79 15.42
N ILE D 77 -10.20 -30.21 14.77
CA ILE D 77 -10.17 -28.81 14.34
C ILE D 77 -11.36 -28.09 14.96
N ILE D 78 -11.10 -27.02 15.69
CA ILE D 78 -12.16 -26.35 16.46
C ILE D 78 -12.20 -24.86 16.14
N PRO D 79 -13.16 -24.44 15.32
CA PRO D 79 -13.33 -23.00 15.03
C PRO D 79 -14.21 -22.35 16.12
N ASN D 80 -13.78 -21.22 16.69
CA ASN D 80 -14.53 -20.53 17.73
C ASN D 80 -14.83 -19.11 17.26
N PRO D 81 -16.02 -18.87 16.69
CA PRO D 81 -16.32 -17.53 16.17
C PRO D 81 -16.32 -16.44 17.24
N GLN D 82 -16.72 -16.76 18.47
CA GLN D 82 -16.84 -15.69 19.48
C GLN D 82 -15.49 -15.29 20.04
N GLU D 83 -14.53 -16.21 20.10
CA GLU D 83 -13.16 -15.86 20.48
C GLU D 83 -12.27 -15.63 19.27
N ARG D 84 -12.79 -15.82 18.07
CA ARG D 84 -12.05 -15.63 16.82
C ARG D 84 -10.75 -16.43 16.82
N THR D 85 -10.86 -17.71 17.19
CA THR D 85 -9.72 -18.61 17.17
C THR D 85 -10.07 -19.85 16.35
N LEU D 86 -9.05 -20.44 15.74
CA LEU D 86 -9.16 -21.75 15.13
C LEU D 86 -8.10 -22.63 15.78
N THR D 87 -8.53 -23.75 16.36
CA THR D 87 -7.65 -24.60 17.14
C THR D 87 -7.48 -25.95 16.44
N LEU D 88 -6.24 -26.42 16.36
CA LEU D 88 -5.91 -27.76 15.89
C LEU D 88 -5.24 -28.52 17.03
N VAL D 89 -5.81 -29.66 17.41
CA VAL D 89 -5.26 -30.48 18.50
C VAL D 89 -4.93 -31.84 17.93
N ASP D 90 -3.71 -32.30 18.16
CA ASP D 90 -3.40 -33.68 17.81
C ASP D 90 -2.90 -34.45 19.02
N THR D 91 -3.06 -35.76 18.96
CA THR D 91 -2.60 -36.66 20.00
C THR D 91 -1.26 -37.27 19.61
N GLY D 92 -0.42 -36.47 18.96
CA GLY D 92 0.91 -36.90 18.56
C GLY D 92 1.85 -37.01 19.76
N ILE D 93 3.14 -37.13 19.42
CA ILE D 93 4.14 -37.36 20.44
C ILE D 93 4.38 -36.13 21.33
N GLY D 94 4.03 -34.94 20.86
CA GLY D 94 4.25 -33.73 21.65
C GLY D 94 5.71 -33.30 21.64
N MET D 95 5.99 -32.27 22.44
CA MET D 95 7.33 -31.69 22.53
C MET D 95 7.68 -31.43 23.99
N THR D 96 8.91 -31.77 24.39
CA THR D 96 9.41 -31.34 25.67
C THR D 96 9.62 -29.82 25.66
N LYS D 97 9.95 -29.26 26.81
CA LYS D 97 10.20 -27.83 26.89
C LYS D 97 11.39 -27.44 26.03
N ALA D 98 12.50 -28.19 26.15
CA ALA D 98 13.68 -27.86 25.36
C ALA D 98 13.39 -27.94 23.87
N ASP D 99 12.66 -28.98 23.43
CA ASP D 99 12.33 -29.11 22.01
C ASP D 99 11.36 -28.01 21.56
N LEU D 100 10.46 -27.59 22.43
CA LEU D 100 9.54 -26.51 22.09
C LEU D 100 10.31 -25.22 21.80
N ILE D 101 11.20 -24.84 22.71
CA ILE D 101 11.98 -23.61 22.53
C ILE D 101 12.90 -23.75 21.32
N ASN D 102 13.61 -24.88 21.23
CA ASN D 102 14.55 -25.08 20.12
C ASN D 102 13.84 -25.08 18.77
N ASN D 103 12.76 -25.88 18.65
CA ASN D 103 12.17 -26.08 17.32
C ASN D 103 11.52 -24.81 16.80
N LEU D 104 10.82 -24.09 17.66
CA LEU D 104 10.11 -22.89 17.21
C LEU D 104 10.97 -21.63 17.25
N GLY D 105 11.98 -21.58 18.13
CA GLY D 105 12.71 -20.34 18.32
C GLY D 105 14.09 -20.31 17.68
N THR D 106 14.64 -21.48 17.34
CA THR D 106 16.09 -21.54 17.11
C THR D 106 16.47 -22.39 15.91
N ILE D 107 16.25 -23.71 15.96
CA ILE D 107 16.81 -24.55 14.90
C ILE D 107 16.02 -24.44 13.59
N ALA D 108 14.88 -23.76 13.59
CA ALA D 108 14.26 -23.41 12.32
C ALA D 108 15.07 -22.38 11.52
N LYS D 109 16.14 -21.83 12.09
CA LYS D 109 16.97 -20.85 11.38
C LYS D 109 17.37 -21.32 9.99
N SER D 110 17.91 -22.53 9.86
CA SER D 110 18.47 -22.88 8.56
C SER D 110 17.37 -23.10 7.53
N GLY D 111 16.25 -23.69 7.92
CA GLY D 111 15.12 -23.82 7.00
C GLY D 111 14.56 -22.48 6.56
N THR D 112 14.36 -21.55 7.51
CA THR D 112 13.81 -20.24 7.15
C THR D 112 14.79 -19.45 6.30
N LYS D 113 16.07 -19.55 6.61
CA LYS D 113 17.07 -18.88 5.80
C LYS D 113 17.11 -19.45 4.38
N ALA D 114 17.18 -20.79 4.27
CA ALA D 114 17.17 -21.39 2.93
C ALA D 114 15.90 -21.03 2.19
N PHE D 115 14.77 -21.03 2.89
CA PHE D 115 13.50 -20.72 2.24
C PHE D 115 13.50 -19.29 1.68
N MET D 116 14.02 -18.32 2.44
CA MET D 116 14.01 -16.96 1.95
C MET D 116 14.93 -16.78 0.75
N GLU D 117 16.08 -17.46 0.76
CA GLU D 117 16.93 -17.46 -0.43
C GLU D 117 16.19 -18.07 -1.62
N ALA D 118 15.44 -19.15 -1.39
CA ALA D 118 14.63 -19.72 -2.46
C ALA D 118 13.58 -18.73 -2.95
N LEU D 119 12.90 -18.03 -2.03
CA LEU D 119 11.86 -17.08 -2.43
C LEU D 119 12.44 -15.96 -3.29
N GLN D 120 13.66 -15.51 -2.98
CA GLN D 120 14.28 -14.48 -3.80
C GLN D 120 14.58 -14.99 -5.19
N ALA D 121 14.83 -16.30 -5.33
CA ALA D 121 15.12 -16.91 -6.62
C ALA D 121 13.87 -17.36 -7.37
N GLY D 122 12.67 -17.09 -6.84
CA GLY D 122 11.45 -17.40 -7.55
C GLY D 122 10.60 -18.51 -6.97
N ALA D 123 10.93 -19.04 -5.79
CA ALA D 123 10.03 -19.96 -5.13
C ALA D 123 8.78 -19.23 -4.69
N ASP D 124 7.77 -19.98 -4.25
CA ASP D 124 6.54 -19.35 -3.79
C ASP D 124 6.19 -19.88 -2.41
N ILE D 125 5.29 -19.15 -1.74
CA ILE D 125 5.02 -19.40 -0.32
C ILE D 125 4.50 -20.82 -0.08
N SER D 126 3.82 -21.41 -1.06
CA SER D 126 3.27 -22.75 -0.84
C SER D 126 4.36 -23.84 -0.76
N MET D 127 5.61 -23.52 -1.07
CA MET D 127 6.69 -24.49 -0.95
C MET D 127 7.29 -24.52 0.45
N ILE D 128 6.73 -23.76 1.39
CA ILE D 128 7.35 -23.56 2.71
C ILE D 128 7.60 -24.89 3.43
N GLY D 129 6.70 -25.87 3.22
CA GLY D 129 6.86 -27.16 3.89
C GLY D 129 8.08 -27.94 3.41
N GLN D 130 8.54 -27.70 2.18
CA GLN D 130 9.77 -28.34 1.68
C GLN D 130 11.02 -27.83 2.37
N PHE D 131 10.89 -26.85 3.24
CA PHE D 131 12.01 -26.33 4.01
C PHE D 131 11.81 -26.59 5.49
N GLY D 132 10.83 -27.41 5.86
CA GLY D 132 10.65 -27.85 7.22
C GLY D 132 10.14 -26.79 8.16
N VAL D 133 9.64 -25.66 7.64
CA VAL D 133 9.21 -24.55 8.49
C VAL D 133 7.81 -24.08 8.11
N GLY D 134 6.96 -25.01 7.66
CA GLY D 134 5.59 -24.64 7.30
C GLY D 134 4.76 -24.12 8.46
N PHE D 135 5.18 -24.42 9.70
CA PHE D 135 4.48 -23.87 10.87
C PHE D 135 4.27 -22.36 10.79
N TYR D 136 5.27 -21.61 10.32
CA TYR D 136 5.15 -20.16 10.34
C TYR D 136 4.15 -19.64 9.32
N SER D 137 3.65 -20.49 8.43
CA SER D 137 2.57 -20.06 7.56
C SER D 137 1.27 -19.80 8.33
N ALA D 138 1.19 -20.20 9.60
CA ALA D 138 0.07 -19.78 10.44
C ALA D 138 -0.09 -18.27 10.45
N TYR D 139 1.03 -17.52 10.38
CA TYR D 139 0.93 -16.07 10.41
C TYR D 139 0.38 -15.48 9.10
N LEU D 140 0.13 -16.31 8.09
CA LEU D 140 -0.65 -15.83 6.94
C LEU D 140 -2.04 -15.39 7.39
N VAL D 141 -2.61 -16.08 8.37
CA VAL D 141 -3.98 -15.84 8.79
C VAL D 141 -4.11 -15.45 10.26
N ALA D 142 -3.08 -15.64 11.07
CA ALA D 142 -3.16 -15.40 12.51
C ALA D 142 -2.33 -14.19 12.91
N GLU D 143 -2.88 -13.38 13.80
CA GLU D 143 -2.10 -12.30 14.40
C GLU D 143 -1.36 -12.75 15.64
N LYS D 144 -1.83 -13.79 16.30
CA LYS D 144 -1.15 -14.40 17.43
C LYS D 144 -1.35 -15.91 17.33
N VAL D 145 -0.29 -16.66 17.62
CA VAL D 145 -0.37 -18.11 17.67
C VAL D 145 0.10 -18.58 19.04
N VAL D 146 -0.64 -19.54 19.60
CA VAL D 146 -0.31 -20.18 20.87
C VAL D 146 -0.12 -21.67 20.59
N VAL D 147 0.92 -22.26 21.19
CA VAL D 147 1.19 -23.68 21.04
C VAL D 147 1.25 -24.30 22.44
N ILE D 148 0.33 -25.22 22.71
CA ILE D 148 0.31 -25.99 23.95
C ILE D 148 0.81 -27.38 23.62
N THR D 149 1.72 -27.92 24.44
CA THR D 149 2.25 -29.22 24.08
C THR D 149 2.56 -30.04 25.33
N LYS D 150 2.46 -31.36 25.18
CA LYS D 150 2.69 -32.29 26.28
C LYS D 150 3.36 -33.53 25.70
N HIS D 151 4.59 -33.78 26.12
CA HIS D 151 5.37 -34.95 25.76
C HIS D 151 5.39 -35.88 26.96
N ASN D 152 5.43 -37.20 26.69
CA ASN D 152 5.44 -38.17 27.78
C ASN D 152 6.53 -37.89 28.81
N ASP D 153 7.65 -37.29 28.38
CA ASP D 153 8.81 -37.14 29.25
C ASP D 153 8.89 -35.78 29.94
N ASP D 154 7.85 -34.96 29.85
CA ASP D 154 7.91 -33.60 30.39
C ASP D 154 6.51 -33.18 30.82
N GLU D 155 6.42 -31.96 31.35
CA GLU D 155 5.16 -31.33 31.74
C GLU D 155 4.58 -30.53 30.55
N GLN D 156 3.35 -30.05 30.73
CA GLN D 156 2.67 -29.30 29.69
C GLN D 156 3.16 -27.85 29.69
N TYR D 157 3.48 -27.33 28.50
CA TYR D 157 4.00 -25.97 28.35
C TYR D 157 3.23 -25.22 27.28
N ALA D 158 3.20 -23.90 27.42
CA ALA D 158 2.53 -23.00 26.49
C ALA D 158 3.55 -22.04 25.88
N TRP D 159 3.55 -21.96 24.55
CA TRP D 159 4.37 -21.05 23.76
C TRP D 159 3.43 -20.08 23.06
N GLU D 160 3.81 -18.80 23.00
CA GLU D 160 2.99 -17.87 22.24
C GLU D 160 3.87 -16.83 21.58
N SER D 161 3.40 -16.32 20.43
CA SER D 161 4.07 -15.20 19.79
C SER D 161 3.10 -14.44 18.89
N SER D 162 3.18 -13.11 18.92
CA SER D 162 2.52 -12.26 17.94
C SER D 162 3.52 -11.71 16.92
N ALA D 163 4.62 -12.42 16.67
CA ALA D 163 5.59 -12.06 15.64
C ALA D 163 6.20 -10.68 15.86
N GLY D 164 6.46 -10.31 17.10
CA GLY D 164 7.16 -9.06 17.26
C GLY D 164 8.67 -9.21 17.27
N GLY D 165 9.17 -10.35 16.80
CA GLY D 165 10.55 -10.74 17.00
C GLY D 165 10.80 -11.57 18.26
N SER D 166 9.79 -11.80 19.09
CA SER D 166 10.00 -12.57 20.31
C SER D 166 8.81 -13.49 20.57
N PHE D 167 9.02 -14.40 21.53
CA PHE D 167 8.00 -15.33 21.96
C PHE D 167 8.17 -15.56 23.46
N THR D 168 7.14 -16.14 24.08
CA THR D 168 7.22 -16.50 25.49
C THR D 168 6.93 -17.99 25.65
N VAL D 169 7.45 -18.56 26.74
CA VAL D 169 7.19 -19.94 27.11
C VAL D 169 6.85 -19.97 28.59
N ARG D 170 5.83 -20.74 28.97
CA ARG D 170 5.46 -20.88 30.37
C ARG D 170 4.92 -22.29 30.60
N ALA D 171 5.07 -22.75 31.84
CA ALA D 171 4.34 -23.93 32.28
C ALA D 171 2.85 -23.68 32.11
N ASP D 172 2.14 -24.62 31.48
CA ASP D 172 0.75 -24.39 31.15
C ASP D 172 -0.16 -24.96 32.24
N HIS D 173 -1.04 -24.10 32.77
CA HIS D 173 -1.99 -24.47 33.81
C HIS D 173 -3.42 -24.48 33.28
N GLY D 174 -3.59 -24.63 31.97
CA GLY D 174 -4.90 -24.80 31.39
C GLY D 174 -5.33 -26.25 31.42
N GLU D 175 -6.32 -26.56 30.60
CA GLU D 175 -6.84 -27.91 30.54
C GLU D 175 -5.75 -28.87 30.09
N PRO D 176 -5.52 -29.97 30.82
CA PRO D 176 -4.50 -30.94 30.37
C PRO D 176 -4.92 -31.59 29.07
N ILE D 177 -3.95 -31.75 28.15
CA ILE D 177 -4.22 -32.37 26.87
C ILE D 177 -3.75 -33.82 26.81
N GLY D 178 -3.13 -34.32 27.87
CA GLY D 178 -2.77 -35.72 27.95
C GLY D 178 -1.44 -35.99 27.25
N ARG D 179 -1.44 -35.82 25.93
CA ARG D 179 -0.26 -35.99 25.11
C ARG D 179 -0.55 -35.39 23.74
N GLY D 180 0.42 -34.65 23.20
CA GLY D 180 0.31 -34.09 21.88
C GLY D 180 0.50 -32.58 21.90
N THR D 181 -0.12 -31.92 20.93
CA THR D 181 0.11 -30.51 20.68
C THR D 181 -1.20 -29.87 20.25
N LYS D 182 -1.45 -28.68 20.76
CA LYS D 182 -2.61 -27.89 20.42
C LYS D 182 -2.10 -26.56 19.88
N VAL D 183 -2.51 -26.21 18.66
CA VAL D 183 -2.13 -24.93 18.05
C VAL D 183 -3.37 -24.06 18.02
N ILE D 184 -3.29 -22.88 18.64
CA ILE D 184 -4.42 -21.95 18.67
C ILE D 184 -4.07 -20.74 17.81
N LEU D 185 -4.82 -20.55 16.74
CA LEU D 185 -4.65 -19.39 15.86
C LEU D 185 -5.65 -18.32 16.24
N HIS D 186 -5.14 -17.14 16.62
CA HIS D 186 -5.99 -15.96 16.78
C HIS D 186 -6.01 -15.26 15.44
N LEU D 187 -7.15 -15.32 14.75
CA LEU D 187 -7.22 -14.94 13.35
C LEU D 187 -7.25 -13.44 13.17
N LYS D 188 -6.63 -12.97 12.09
CA LYS D 188 -6.79 -11.58 11.69
C LYS D 188 -8.26 -11.31 11.31
N GLU D 189 -8.68 -10.05 11.50
CA GLU D 189 -10.07 -9.69 11.26
C GLU D 189 -10.55 -10.11 9.88
N ASP D 190 -9.70 -10.00 8.86
CA ASP D 190 -10.14 -10.27 7.50
C ASP D 190 -9.99 -11.75 7.10
N GLN D 191 -9.60 -12.62 8.04
CA GLN D 191 -9.42 -14.04 7.76
C GLN D 191 -10.44 -14.91 8.49
N THR D 192 -11.58 -14.34 8.85
CA THR D 192 -12.57 -15.07 9.64
C THR D 192 -13.33 -16.12 8.83
N GLU D 193 -13.18 -16.16 7.50
CA GLU D 193 -13.75 -17.25 6.73
C GLU D 193 -13.30 -18.61 7.25
N TYR D 194 -12.12 -18.68 7.88
CA TYR D 194 -11.64 -19.96 8.40
C TYR D 194 -12.27 -20.33 9.73
N LEU D 195 -13.25 -19.55 10.20
CA LEU D 195 -14.08 -19.94 11.35
C LEU D 195 -15.35 -20.68 10.93
N GLU D 196 -15.56 -20.90 9.64
CA GLU D 196 -16.80 -21.47 9.14
C GLU D 196 -16.63 -22.95 8.80
N GLU D 197 -17.66 -23.73 9.10
CA GLU D 197 -17.67 -25.15 8.75
C GLU D 197 -17.39 -25.36 7.27
N ARG D 198 -18.16 -24.68 6.41
CA ARG D 198 -18.07 -24.89 4.97
C ARG D 198 -16.66 -24.67 4.44
N ARG D 199 -15.99 -23.63 4.93
CA ARG D 199 -14.68 -23.29 4.40
C ARG D 199 -13.63 -24.27 4.86
N VAL D 200 -13.65 -24.65 6.15
CA VAL D 200 -12.60 -25.52 6.67
C VAL D 200 -12.64 -26.88 5.97
N LYS D 201 -13.83 -27.38 5.65
CA LYS D 201 -13.91 -28.66 4.95
C LYS D 201 -13.37 -28.58 3.53
N GLU D 202 -13.64 -27.51 2.81
CA GLU D 202 -13.11 -27.42 1.48
C GLU D 202 -11.60 -27.44 1.50
N VAL D 203 -10.99 -26.75 2.45
CA VAL D 203 -9.53 -26.72 2.54
C VAL D 203 -8.99 -28.10 2.91
N VAL D 204 -9.61 -28.78 3.87
CA VAL D 204 -9.16 -30.12 4.24
C VAL D 204 -9.29 -31.07 3.07
N LYS D 205 -10.41 -30.99 2.33
CA LYS D 205 -10.64 -31.88 1.20
C LYS D 205 -9.67 -31.60 0.07
N LYS D 206 -9.29 -30.33 -0.11
CA LYS D 206 -8.45 -29.96 -1.25
C LYS D 206 -6.99 -30.36 -1.01
N HIS D 207 -6.51 -30.21 0.22
CA HIS D 207 -5.08 -30.32 0.51
C HIS D 207 -4.70 -31.50 1.39
N SER D 208 -5.62 -32.04 2.16
CA SER D 208 -5.25 -33.00 3.19
C SER D 208 -6.06 -34.26 3.08
N GLN D 209 -6.48 -34.60 1.85
CA GLN D 209 -7.43 -35.68 1.66
C GLN D 209 -6.82 -37.05 1.91
N PHE D 210 -5.49 -37.18 1.85
CA PHE D 210 -4.89 -38.49 2.05
C PHE D 210 -3.97 -38.51 3.26
N ILE D 211 -4.30 -37.71 4.27
CA ILE D 211 -3.68 -37.83 5.58
C ILE D 211 -4.19 -39.11 6.25
N GLY D 212 -3.30 -39.83 6.92
CA GLY D 212 -3.66 -41.16 7.41
C GLY D 212 -4.20 -41.20 8.82
N TYR D 213 -4.80 -40.10 9.28
CA TYR D 213 -5.42 -40.03 10.60
C TYR D 213 -6.77 -39.35 10.46
N PRO D 214 -7.73 -39.68 11.33
CA PRO D 214 -9.04 -39.02 11.24
C PRO D 214 -8.95 -37.57 11.66
N ILE D 215 -9.66 -36.71 10.94
CA ILE D 215 -9.72 -35.29 11.24
C ILE D 215 -11.17 -34.94 11.54
N THR D 216 -11.44 -34.51 12.77
CA THR D 216 -12.79 -34.20 13.23
C THR D 216 -12.95 -32.70 13.42
N LEU D 217 -14.03 -32.15 12.88
CA LEU D 217 -14.35 -30.73 12.97
C LEU D 217 -15.43 -30.51 14.03
N TYR D 218 -15.20 -29.53 14.90
CA TYR D 218 -16.11 -29.21 16.01
C TYR D 218 -16.65 -27.80 15.85
N LEU D 219 -17.97 -27.67 15.79
CA LEU D 219 -18.51 -26.32 15.93
C LEU D 219 -19.71 -26.33 16.85
#